data_8KC9
#
_entry.id   8KC9
#
_cell.length_a   1.00
_cell.length_b   1.00
_cell.length_c   1.00
_cell.angle_alpha   90.00
_cell.angle_beta   90.00
_cell.angle_gamma   90.00
#
_symmetry.space_group_name_H-M   'P 1'
#
loop_
_entity.id
_entity.type
_entity.pdbx_description
1 polymer 'Prolyl 3-hydroxylase 1'
2 polymer 'Cartilage-associated protein'
3 polymer 'Peptidyl-prolyl cis-trans isomerase B'
4 polymer DSN-MLE-MLE-MVA-BMT-ABA-SAR-MLE-VAL-MLE-ALA
5 non-polymer 2-acetamido-2-deoxy-beta-D-glucopyranose
6 non-polymer 'FE (III) ION'
#
loop_
_entity_poly.entity_id
_entity_poly.type
_entity_poly.pdbx_seq_one_letter_code
_entity_poly.pdbx_strand_id
1 'polypeptide(L)'
;MAVRALKLLTTLLAVVAAASQAEVESEAGWGMVTPDLLFAEGTAAYARGDWPGVVLSMERALRSRAALRALRLRCRTQCA
ADFPWELDPDWSPSPAQASGAAALRDLSFFGGLLRRAACLRRCLGPPAAHSLSEEMELEFRKRSPYNYLQVAYFKINKLE
KAVAAAHTFFVGNPEHMEMQQNLDYYQTMSGVKEADFKDLETQPHMQEFRLGVRLYSEEQPQEAVPHLEAALQEYFVAYE
ECRALCEGPYDYDGYNYLEYNADLFQAITDHYIQVLNCKQNCVTELASHPSREKPFEDFLPSHYNYLQFAYYNIGNYTQA
VECAKTYLLFFPNDEVMNQNLAYYAAMLGEEHTRSIGPRESAKEYRQRSLLEKELLFFAYDVFGIPFVDPDSWTPEEVIP
KRLQEKQKSERETAVRISQEIGNLMKEIETLVEEKTKESLDVSRLTREGGPLLYEGISLTMNSKLLNGSQRVVMDGVISD
HECQELQRLTNVAATSGDGYRGQTSPHTPNEKFYGVTVFKALKLGQEGKVPLQSAHLYYNVTEKVRRIMESYFRLDTPLY
FSYSHLVCRTAIEEVQAERKDDSHPVHVDNCILNAETLVCVKEPPAYTFRDYSAILYLNGDFDGGNFYFTELDAKTVTAE
VQPQCGRAVGFSSGTENPHGVKAVTRGQRCAIALWFTLDPRHSERDRVQADDLVKMLFSPEEMDLSQEQPLDAQQGPPEP
AQESLSGSESKPKDEL
;
A
2 'polypeptide(L)'
;MEPGRRGAAALLALLCVACALRAGRAQYERYSFRSFPRDELMPLESAYRHALDKYSGEHWAESVGYLEISLRLHRLLRDS
EAFCHRNCSAAPQPEPAAGLASYPELRLFGGLLRRAHCLKRCKQGLPAFRQSQPSREVLADFQRREPYKFLQFAYFKANN
LPKAIAAAHTFLLKHPDDEMMKRNMAYYKSLPGAEDYIKDLETKSYESLFIRAVRAYNGENWRTSITDMELALPDFFKAF
YECLAACEGSREIKDFKDFYLSIADHYVEVLECKIQCEENLTPVIGGYPVEKFVATMYHYLQFAYYKLNDLKNAAPCAVS
YLLFDQNDKVMQQNLVYYQYHRDTWGLSDEHFQPRPEAVQFFNVTTLQKELYDFAKENIMDDDEGEVVEYVDDLLELEET
SAAALEVLFQGPSAWSHPQFEKGGGSGGGSGGSAWSHPQFEK
;
B
3 'polypeptide(L)'
;MLRLSERNMKVLLAAALIAGSVFFLLLPGPSAADEKKKGPKVTVKVYFDLRIGDEDVGRVIFGLFGKTVPKTVDNFVALA
TGEKGFGYKNSKFHRVIKDFMIQGGDFTRGDGTGGKSIYGERFPDENFKLKHYGPGWVSMANAGKDTNGSQFFITTVKTA
WLDGKHVVFGKVLEGMEVVRKVESTKTDSRDKPLKDVIIADCGKIEVEKPFAIAKEAAAENLYFQGDYKDHDGDYKDHDI
DYKDDDDKHHHHHHHH
;
C
4 'polypeptide(L)' (DAL)(MLE)(MLE)(MVA)(BMT)(ABA)(SAR)(MLE)V(MLE)A E
#
# COMPACT_ATOMS: atom_id res chain seq x y z
N GLY A 31 7.78 -27.83 -2.71
CA GLY A 31 8.57 -27.06 -1.75
C GLY A 31 8.65 -27.71 -0.39
N MET A 32 9.61 -27.27 0.42
CA MET A 32 9.79 -27.80 1.76
C MET A 32 9.13 -26.90 2.79
N VAL A 33 9.34 -27.19 4.08
CA VAL A 33 8.81 -26.32 5.13
C VAL A 33 9.55 -25.00 5.12
N THR A 34 8.96 -24.01 5.79
CA THR A 34 9.56 -22.69 5.86
C THR A 34 10.89 -22.74 6.58
N PRO A 35 11.90 -22.02 6.08
CA PRO A 35 13.24 -22.11 6.69
C PRO A 35 13.31 -21.67 8.14
N ASP A 36 12.47 -20.71 8.54
CA ASP A 36 12.60 -20.14 9.89
C ASP A 36 12.33 -21.19 10.97
N LEU A 37 11.40 -22.12 10.71
CA LEU A 37 11.13 -23.18 11.67
C LEU A 37 12.37 -24.05 11.88
N LEU A 38 13.03 -24.44 10.78
CA LEU A 38 14.26 -25.22 10.89
C LEU A 38 15.35 -24.42 11.59
N PHE A 39 15.43 -23.12 11.31
CA PHE A 39 16.42 -22.28 11.98
C PHE A 39 16.18 -22.25 13.48
N ALA A 40 14.92 -22.11 13.89
CA ALA A 40 14.61 -22.08 15.32
C ALA A 40 14.94 -23.41 15.98
N GLU A 41 14.59 -24.52 15.32
CA GLU A 41 14.92 -25.83 15.88
C GLU A 41 16.43 -26.01 16.00
N GLY A 42 17.18 -25.58 14.98
CA GLY A 42 18.63 -25.67 15.06
C GLY A 42 19.21 -24.82 16.17
N THR A 43 18.67 -23.61 16.35
CA THR A 43 19.14 -22.75 17.44
C THR A 43 18.86 -23.37 18.79
N ALA A 44 17.67 -23.96 18.97
CA ALA A 44 17.35 -24.62 20.22
C ALA A 44 18.27 -25.81 20.47
N ALA A 45 18.55 -26.60 19.43
CA ALA A 45 19.44 -27.74 19.58
C ALA A 45 20.85 -27.28 19.91
N TYR A 46 21.32 -26.20 19.29
CA TYR A 46 22.64 -25.65 19.61
C TYR A 46 22.70 -25.18 21.05
N ALA A 47 21.62 -24.57 21.53
CA ALA A 47 21.54 -24.22 22.94
C ALA A 47 21.64 -25.47 23.81
N ARG A 48 20.99 -26.55 23.40
CA ARG A 48 21.14 -27.82 24.10
C ARG A 48 22.49 -28.45 23.80
N GLY A 49 22.91 -28.43 22.54
CA GLY A 49 24.23 -28.94 22.17
C GLY A 49 24.21 -30.24 21.40
N ASP A 50 23.20 -30.46 20.56
CA ASP A 50 23.09 -31.66 19.74
C ASP A 50 23.63 -31.33 18.34
N TRP A 51 24.90 -31.70 18.12
CA TRP A 51 25.56 -31.35 16.86
C TRP A 51 24.92 -32.00 15.63
N PRO A 52 24.62 -33.30 15.62
CA PRO A 52 23.92 -33.85 14.44
C PRO A 52 22.61 -33.14 14.15
N GLY A 53 21.86 -32.80 15.20
CA GLY A 53 20.61 -32.10 14.99
C GLY A 53 20.81 -30.74 14.34
N VAL A 54 21.79 -29.98 14.83
CA VAL A 54 21.99 -28.63 14.28
C VAL A 54 22.49 -28.72 12.85
N VAL A 55 23.41 -29.63 12.55
CA VAL A 55 23.91 -29.70 11.18
C VAL A 55 22.79 -30.11 10.24
N LEU A 56 21.97 -31.08 10.63
CA LEU A 56 20.84 -31.48 9.79
C LEU A 56 19.88 -30.32 9.56
N SER A 57 19.54 -29.59 10.64
CA SER A 57 18.59 -28.50 10.53
C SER A 57 19.12 -27.40 9.63
N MET A 58 20.38 -27.01 9.79
CA MET A 58 20.93 -25.94 8.96
C MET A 58 21.00 -26.36 7.50
N GLU A 59 21.40 -27.60 7.22
CA GLU A 59 21.45 -28.05 5.83
C GLU A 59 20.06 -28.04 5.21
N ARG A 60 19.06 -28.51 5.96
CA ARG A 60 17.69 -28.52 5.43
C ARG A 60 17.20 -27.11 5.15
N ALA A 61 17.47 -26.17 6.07
CA ALA A 61 17.02 -24.79 5.87
C ALA A 61 17.70 -24.16 4.65
N LEU A 62 19.01 -24.37 4.52
CA LEU A 62 19.73 -23.81 3.38
C LEU A 62 19.21 -24.38 2.07
N ARG A 63 18.92 -25.68 2.03
CA ARG A 63 18.34 -26.26 0.82
C ARG A 63 16.96 -25.70 0.52
N SER A 64 16.13 -25.55 1.57
CA SER A 64 14.76 -25.10 1.37
C SER A 64 14.70 -23.67 0.84
N ARG A 65 15.57 -22.80 1.35
CA ARG A 65 15.58 -21.41 0.87
C ARG A 65 15.80 -21.36 -0.65
N ALA A 66 16.85 -22.04 -1.11
CA ALA A 66 17.17 -22.05 -2.53
C ALA A 66 16.06 -22.70 -3.35
N ALA A 67 15.49 -23.80 -2.84
CA ALA A 67 14.43 -24.47 -3.59
C ALA A 67 13.22 -23.56 -3.77
N LEU A 68 12.82 -22.88 -2.69
CA LEU A 68 11.67 -21.98 -2.77
C LEU A 68 11.94 -20.83 -3.74
N ARG A 69 13.12 -20.22 -3.64
CA ARG A 69 13.45 -19.12 -4.54
C ARG A 69 13.45 -19.58 -6.00
N ALA A 70 14.05 -20.73 -6.28
CA ALA A 70 14.10 -21.24 -7.65
C ALA A 70 12.71 -21.54 -8.17
N LEU A 71 11.85 -22.15 -7.36
CA LEU A 71 10.49 -22.45 -7.81
C LEU A 71 9.73 -21.17 -8.15
N ARG A 72 9.78 -20.18 -7.24
CA ARG A 72 9.10 -18.93 -7.50
C ARG A 72 9.56 -18.31 -8.80
N LEU A 73 10.88 -18.14 -8.96
CA LEU A 73 11.41 -17.49 -10.15
C LEU A 73 11.02 -18.26 -11.39
N ARG A 74 11.16 -19.59 -11.36
CA ARG A 74 10.92 -20.42 -12.53
C ARG A 74 9.49 -20.27 -13.03
N CYS A 75 8.51 -20.50 -12.14
CA CYS A 75 7.15 -20.49 -12.68
C CYS A 75 6.70 -19.07 -12.99
N ARG A 76 7.13 -18.09 -12.19
CA ARG A 76 6.79 -16.69 -12.48
C ARG A 76 7.24 -16.32 -13.88
N THR A 77 8.52 -16.54 -14.21
CA THR A 77 8.99 -16.14 -15.53
C THR A 77 8.34 -17.00 -16.62
N GLN A 78 8.17 -18.30 -16.36
CA GLN A 78 7.70 -19.18 -17.43
C GLN A 78 6.29 -18.83 -17.87
N CYS A 79 5.38 -18.56 -16.93
CA CYS A 79 4.02 -18.24 -17.37
C CYS A 79 3.72 -16.75 -17.28
N ALA A 80 4.74 -15.91 -17.05
CA ALA A 80 4.65 -14.53 -17.50
C ALA A 80 5.01 -14.44 -18.97
N ALA A 81 5.93 -15.30 -19.43
CA ALA A 81 6.23 -15.37 -20.85
C ALA A 81 5.20 -16.18 -21.62
N ASP A 82 4.44 -17.05 -20.93
CA ASP A 82 3.42 -17.83 -21.62
C ASP A 82 2.35 -16.93 -22.23
N PHE A 83 1.90 -15.91 -21.50
CA PHE A 83 0.82 -15.04 -21.97
C PHE A 83 1.36 -13.65 -22.27
N PRO A 84 1.48 -13.26 -23.54
CA PRO A 84 2.00 -11.94 -23.87
C PRO A 84 0.96 -10.85 -23.63
N TRP A 85 1.39 -9.60 -23.83
CA TRP A 85 0.53 -8.45 -23.60
C TRP A 85 -0.13 -7.91 -24.87
N GLU A 86 0.13 -8.53 -26.02
CA GLU A 86 -0.41 -8.19 -27.34
C GLU A 86 -0.38 -6.68 -27.64
N LEU A 87 -1.32 -5.91 -27.08
CA LEU A 87 -1.42 -4.48 -27.31
C LEU A 87 -1.56 -4.20 -28.82
N ASP A 88 -2.72 -4.53 -29.38
CA ASP A 88 -3.00 -4.23 -30.78
C ASP A 88 -3.91 -3.02 -30.83
N PRO A 89 -3.38 -1.84 -31.17
CA PRO A 89 -4.17 -0.60 -31.16
C PRO A 89 -4.77 -0.28 -32.53
N ASP A 90 -5.58 -1.19 -33.03
CA ASP A 90 -6.16 -1.13 -34.36
C ASP A 90 -7.51 -0.40 -34.43
N TRP A 91 -7.74 0.59 -33.57
CA TRP A 91 -8.90 1.45 -33.72
C TRP A 91 -8.52 2.90 -33.45
N SER A 92 -9.29 3.81 -34.03
CA SER A 92 -9.22 5.24 -33.71
C SER A 92 -10.56 5.67 -33.14
N PRO A 93 -10.66 5.94 -31.83
CA PRO A 93 -11.94 6.31 -31.23
C PRO A 93 -12.56 7.54 -31.87
N SER A 94 -13.72 7.38 -32.53
CA SER A 94 -14.46 8.42 -33.22
C SER A 94 -15.56 8.96 -32.32
N PRO A 95 -16.04 10.20 -32.59
CA PRO A 95 -17.04 10.82 -31.70
C PRO A 95 -18.31 10.01 -31.50
N ALA A 96 -18.82 9.37 -32.55
CA ALA A 96 -20.10 8.66 -32.46
C ALA A 96 -19.95 7.21 -32.04
N GLN A 97 -19.18 6.94 -30.98
CA GLN A 97 -19.14 5.63 -30.36
C GLN A 97 -19.14 5.76 -28.85
N ALA A 98 -18.93 6.98 -28.34
CA ALA A 98 -18.92 7.28 -26.92
C ALA A 98 -17.82 6.53 -26.18
N SER A 99 -18.01 6.31 -24.88
CA SER A 99 -16.95 5.72 -24.06
C SER A 99 -16.91 4.20 -24.20
N GLY A 100 -17.68 3.65 -25.13
CA GLY A 100 -17.66 2.21 -25.37
C GLY A 100 -16.29 1.69 -25.77
N ALA A 101 -15.59 2.47 -26.59
CA ALA A 101 -14.24 2.09 -26.98
C ALA A 101 -13.32 2.00 -25.77
N ALA A 102 -13.39 2.99 -24.88
CA ALA A 102 -12.57 2.96 -23.66
C ALA A 102 -12.96 1.78 -22.78
N ALA A 103 -14.26 1.49 -22.68
CA ALA A 103 -14.70 0.35 -21.88
C ALA A 103 -14.13 -0.96 -22.43
N LEU A 104 -14.17 -1.13 -23.75
CA LEU A 104 -13.59 -2.33 -24.35
C LEU A 104 -12.08 -2.39 -24.15
N ARG A 105 -11.42 -1.23 -24.26
CA ARG A 105 -9.97 -1.17 -24.04
C ARG A 105 -9.61 -1.63 -22.64
N ASP A 106 -10.38 -1.17 -21.65
CA ASP A 106 -10.16 -1.62 -20.28
C ASP A 106 -10.44 -3.11 -20.15
N LEU A 107 -11.52 -3.58 -20.77
CA LEU A 107 -11.97 -4.96 -20.59
C LEU A 107 -10.94 -5.96 -21.10
N SER A 108 -10.41 -5.73 -22.32
CA SER A 108 -9.47 -6.70 -22.88
C SER A 108 -8.19 -6.79 -22.05
N PHE A 109 -7.64 -5.63 -21.69
CA PHE A 109 -6.43 -5.60 -20.87
C PHE A 109 -6.64 -6.31 -19.53
N PHE A 110 -7.76 -6.02 -18.87
CA PHE A 110 -7.95 -6.63 -17.56
C PHE A 110 -8.29 -8.11 -17.67
N GLY A 111 -8.87 -8.55 -18.79
CA GLY A 111 -9.03 -9.98 -19.01
C GLY A 111 -7.70 -10.69 -19.15
N GLY A 112 -6.77 -10.11 -19.91
CA GLY A 112 -5.42 -10.66 -19.95
C GLY A 112 -4.77 -10.70 -18.57
N LEU A 113 -4.98 -9.63 -17.79
CA LEU A 113 -4.47 -9.59 -16.42
C LEU A 113 -5.06 -10.72 -15.58
N LEU A 114 -6.36 -10.97 -15.73
CA LEU A 114 -7.00 -12.04 -14.98
C LEU A 114 -6.42 -13.40 -15.36
N ARG A 115 -6.17 -13.61 -16.66
CA ARG A 115 -5.57 -14.88 -17.08
C ARG A 115 -4.19 -15.07 -16.45
N ARG A 116 -3.37 -14.02 -16.46
CA ARG A 116 -2.05 -14.12 -15.85
C ARG A 116 -2.16 -14.40 -14.35
N ALA A 117 -3.09 -13.73 -13.67
CA ALA A 117 -3.28 -13.97 -12.24
C ALA A 117 -3.73 -15.40 -11.97
N ALA A 118 -4.58 -15.95 -12.84
CA ALA A 118 -4.99 -17.33 -12.69
C ALA A 118 -3.81 -18.27 -12.80
N CYS A 119 -2.92 -18.03 -13.77
CA CYS A 119 -1.74 -18.88 -13.87
C CYS A 119 -0.88 -18.78 -12.63
N LEU A 120 -0.66 -17.56 -12.13
CA LEU A 120 0.18 -17.38 -10.96
C LEU A 120 -0.41 -18.10 -9.75
N ARG A 121 -1.73 -18.00 -9.56
CA ARG A 121 -2.35 -18.68 -8.43
C ARG A 121 -2.27 -20.20 -8.57
N ARG A 122 -2.44 -20.74 -9.79
CA ARG A 122 -2.33 -22.19 -9.92
C ARG A 122 -0.88 -22.66 -9.82
N CYS A 123 0.10 -21.77 -9.99
CA CYS A 123 1.48 -22.17 -9.71
C CYS A 123 1.79 -22.14 -8.23
N LEU A 124 1.68 -20.97 -7.60
CA LEU A 124 2.41 -20.72 -6.36
C LEU A 124 1.94 -21.59 -5.20
N GLY A 125 0.74 -22.13 -5.28
CA GLY A 125 0.21 -22.90 -4.19
C GLY A 125 -0.12 -22.03 -2.99
N PRO A 126 0.39 -22.41 -1.81
CA PRO A 126 0.15 -21.61 -0.60
C PRO A 126 1.08 -20.42 -0.53
N PRO A 127 0.54 -19.19 -0.57
CA PRO A 127 1.40 -18.00 -0.47
C PRO A 127 2.16 -17.89 0.84
N ALA A 128 1.66 -18.48 1.92
CA ALA A 128 2.24 -18.29 3.25
C ALA A 128 3.65 -18.84 3.35
N ALA A 129 4.03 -19.84 2.55
CA ALA A 129 5.36 -20.40 2.61
C ALA A 129 6.44 -19.44 2.13
N HIS A 130 6.05 -18.38 1.41
CA HIS A 130 7.01 -17.44 0.84
C HIS A 130 7.19 -16.19 1.68
N SER A 131 6.59 -16.13 2.86
CA SER A 131 6.62 -14.93 3.70
C SER A 131 7.45 -15.20 4.95
N LEU A 132 8.31 -14.24 5.30
CA LEU A 132 9.12 -14.34 6.50
C LEU A 132 9.49 -12.94 6.97
N SER A 133 9.75 -12.82 8.26
CA SER A 133 9.99 -11.53 8.88
C SER A 133 11.38 -11.00 8.51
N GLU A 134 11.63 -9.73 8.85
CA GLU A 134 12.83 -9.05 8.39
C GLU A 134 14.10 -9.57 9.05
N GLU A 135 14.06 -9.89 10.35
CA GLU A 135 15.28 -10.32 11.03
C GLU A 135 15.74 -11.67 10.49
N MET A 136 14.80 -12.49 9.98
CA MET A 136 15.20 -13.74 9.35
C MET A 136 16.09 -13.48 8.15
N GLU A 137 15.68 -12.56 7.27
CA GLU A 137 16.52 -12.20 6.13
C GLU A 137 17.81 -11.54 6.61
N LEU A 138 17.76 -10.84 7.74
CA LEU A 138 18.97 -10.22 8.29
C LEU A 138 20.01 -11.27 8.66
N GLU A 139 19.60 -12.30 9.41
CA GLU A 139 20.54 -13.36 9.76
C GLU A 139 20.95 -14.18 8.56
N PHE A 140 20.06 -14.37 7.58
CA PHE A 140 20.46 -15.05 6.36
C PHE A 140 21.53 -14.26 5.61
N ARG A 141 21.41 -12.93 5.57
CA ARG A 141 22.43 -12.11 4.95
C ARG A 141 23.74 -12.17 5.75
N LYS A 142 23.65 -12.19 7.08
CA LYS A 142 24.84 -12.26 7.91
C LYS A 142 25.47 -13.65 7.96
N ARG A 143 24.80 -14.67 7.42
CA ARG A 143 25.37 -16.01 7.28
C ARG A 143 25.64 -16.66 8.64
N SER A 144 24.81 -16.35 9.63
CA SER A 144 24.91 -17.04 10.92
C SER A 144 24.78 -18.56 10.81
N PRO A 145 23.88 -19.12 9.98
CA PRO A 145 23.84 -20.57 9.85
C PRO A 145 25.17 -21.18 9.46
N TYR A 146 25.98 -20.49 8.65
CA TYR A 146 27.31 -21.00 8.35
C TYR A 146 28.21 -21.01 9.58
N ASN A 147 28.07 -20.01 10.46
CA ASN A 147 28.83 -20.03 11.71
C ASN A 147 28.45 -21.22 12.56
N TYR A 148 27.14 -21.47 12.72
CA TYR A 148 26.69 -22.63 13.48
C TYR A 148 27.19 -23.92 12.84
N LEU A 149 27.13 -24.00 11.51
CA LEU A 149 27.56 -25.19 10.80
C LEU A 149 29.06 -25.44 10.98
N GLN A 150 29.88 -24.39 10.92
CA GLN A 150 31.31 -24.60 11.09
C GLN A 150 31.64 -25.00 12.52
N VAL A 151 30.95 -24.43 13.51
CA VAL A 151 31.15 -24.85 14.89
C VAL A 151 30.81 -26.33 15.04
N ALA A 152 29.66 -26.73 14.50
CA ALA A 152 29.23 -28.12 14.61
C ALA A 152 30.19 -29.05 13.89
N TYR A 153 30.66 -28.66 12.71
CA TYR A 153 31.58 -29.51 11.95
C TYR A 153 32.90 -29.67 12.67
N PHE A 154 33.41 -28.60 13.28
CA PHE A 154 34.62 -28.74 14.10
C PHE A 154 34.36 -29.67 15.27
N LYS A 155 33.18 -29.57 15.90
CA LYS A 155 32.83 -30.48 16.98
C LYS A 155 32.68 -31.93 16.50
N ILE A 156 32.43 -32.14 15.21
CA ILE A 156 32.18 -33.49 14.69
C ILE A 156 33.35 -34.02 13.86
N ASN A 157 34.41 -33.24 13.69
CA ASN A 157 35.61 -33.65 12.94
C ASN A 157 35.26 -33.94 11.47
N LYS A 158 34.77 -32.91 10.81
CA LYS A 158 34.58 -32.87 9.35
C LYS A 158 35.26 -31.63 8.78
N LEU A 159 36.55 -31.50 9.12
CA LEU A 159 37.35 -30.29 8.92
C LEU A 159 37.17 -29.62 7.56
N GLU A 160 36.96 -30.38 6.49
CA GLU A 160 36.83 -29.78 5.17
C GLU A 160 35.61 -28.87 5.10
N LYS A 161 34.45 -29.40 5.49
CA LYS A 161 33.24 -28.58 5.53
C LYS A 161 33.36 -27.45 6.54
N ALA A 162 34.04 -27.72 7.67
CA ALA A 162 34.22 -26.69 8.68
C ALA A 162 34.98 -25.49 8.12
N VAL A 163 36.12 -25.76 7.47
CA VAL A 163 36.92 -24.65 6.92
C VAL A 163 36.20 -23.99 5.77
N ALA A 164 35.44 -24.76 4.97
CA ALA A 164 34.66 -24.14 3.90
C ALA A 164 33.65 -23.13 4.47
N ALA A 165 32.87 -23.56 5.47
CA ALA A 165 31.90 -22.67 6.07
C ALA A 165 32.56 -21.49 6.76
N ALA A 166 33.70 -21.72 7.42
CA ALA A 166 34.39 -20.65 8.10
C ALA A 166 34.91 -19.60 7.11
N HIS A 167 35.46 -20.06 5.98
CA HIS A 167 35.90 -19.13 4.95
C HIS A 167 34.71 -18.35 4.37
N THR A 168 33.58 -19.03 4.16
CA THR A 168 32.40 -18.34 3.66
C THR A 168 31.96 -17.26 4.64
N PHE A 169 31.94 -17.58 5.94
CA PHE A 169 31.53 -16.60 6.94
C PHE A 169 32.50 -15.44 7.01
N PHE A 170 33.81 -15.72 6.94
CA PHE A 170 34.80 -14.65 6.98
C PHE A 170 34.67 -13.74 5.76
N VAL A 171 34.40 -14.31 4.59
CA VAL A 171 34.14 -13.49 3.41
C VAL A 171 32.90 -12.64 3.62
N GLY A 172 31.87 -13.22 4.23
CA GLY A 172 30.67 -12.45 4.51
C GLY A 172 30.91 -11.31 5.47
N ASN A 173 31.70 -11.56 6.52
CA ASN A 173 32.00 -10.55 7.53
C ASN A 173 33.51 -10.45 7.73
N PRO A 174 34.17 -9.50 7.08
CA PRO A 174 35.63 -9.38 7.20
C PRO A 174 36.13 -8.63 8.43
N GLU A 175 35.29 -8.36 9.42
CA GLU A 175 35.69 -7.62 10.61
C GLU A 175 35.64 -8.49 11.87
N HIS A 176 35.67 -9.81 11.70
CA HIS A 176 35.62 -10.74 12.82
C HIS A 176 36.99 -11.39 12.98
N MET A 177 37.71 -10.99 14.03
CA MET A 177 39.06 -11.48 14.24
C MET A 177 39.06 -12.94 14.67
N GLU A 178 37.99 -13.40 15.34
CA GLU A 178 37.93 -14.79 15.79
C GLU A 178 37.92 -15.74 14.60
N MET A 179 37.16 -15.41 13.56
CA MET A 179 37.18 -16.23 12.35
C MET A 179 38.54 -16.24 11.70
N GLN A 180 39.26 -15.12 11.73
CA GLN A 180 40.63 -15.10 11.23
C GLN A 180 41.52 -16.04 12.03
N GLN A 181 41.38 -16.02 13.36
CA GLN A 181 42.17 -16.92 14.19
C GLN A 181 41.86 -18.38 13.88
N ASN A 182 40.57 -18.70 13.72
CA ASN A 182 40.19 -20.08 13.38
C ASN A 182 40.74 -20.48 12.02
N LEU A 183 40.69 -19.57 11.04
CA LEU A 183 41.25 -19.87 9.73
C LEU A 183 42.74 -20.14 9.80
N ASP A 184 43.47 -19.32 10.56
CA ASP A 184 44.90 -19.54 10.73
C ASP A 184 45.17 -20.87 11.40
N TYR A 185 44.41 -21.19 12.43
CA TYR A 185 44.58 -22.48 13.13
C TYR A 185 44.33 -23.65 12.19
N TYR A 186 43.25 -23.57 11.39
CA TYR A 186 42.94 -24.66 10.47
C TYR A 186 44.01 -24.79 9.39
N GLN A 187 44.57 -23.66 8.93
CA GLN A 187 45.66 -23.73 7.97
C GLN A 187 46.90 -24.37 8.58
N THR A 188 47.19 -24.08 9.86
CA THR A 188 48.41 -24.58 10.48
C THR A 188 48.41 -26.11 10.56
N MET A 189 47.35 -26.69 11.10
CA MET A 189 47.29 -28.14 11.27
C MET A 189 46.50 -28.74 10.10
N SER A 190 46.28 -30.06 10.14
CA SER A 190 45.91 -30.82 8.96
C SER A 190 44.71 -30.23 8.23
N GLY A 191 44.66 -30.47 6.92
CA GLY A 191 43.58 -29.91 6.13
C GLY A 191 43.91 -29.70 4.67
N VAL A 192 43.70 -28.49 4.17
CA VAL A 192 43.77 -28.19 2.75
C VAL A 192 44.71 -27.02 2.50
N LYS A 193 44.80 -26.59 1.24
CA LYS A 193 45.73 -25.53 0.85
C LYS A 193 45.00 -24.22 0.64
N GLU A 194 45.70 -23.23 0.09
CA GLU A 194 45.16 -21.88 -0.09
C GLU A 194 44.29 -21.75 -1.34
N ALA A 195 44.10 -22.82 -2.11
CA ALA A 195 43.37 -22.72 -3.36
C ALA A 195 42.19 -23.67 -3.43
N ASP A 196 41.52 -23.92 -2.29
CA ASP A 196 40.32 -24.73 -2.28
C ASP A 196 39.27 -24.14 -1.34
N PHE A 197 39.49 -22.91 -0.90
CA PHE A 197 38.57 -22.25 0.02
C PHE A 197 37.34 -21.75 -0.74
N LYS A 198 36.40 -22.67 -1.01
CA LYS A 198 35.22 -22.33 -1.80
C LYS A 198 34.34 -21.32 -1.07
N ASP A 199 33.65 -20.51 -1.86
CA ASP A 199 32.61 -19.62 -1.36
C ASP A 199 31.26 -20.18 -1.80
N LEU A 200 30.39 -20.44 -0.83
CA LEU A 200 29.09 -21.04 -1.10
C LEU A 200 27.95 -20.03 -1.09
N GLU A 201 28.26 -18.74 -1.07
CA GLU A 201 27.21 -17.74 -1.02
C GLU A 201 27.28 -16.73 -2.16
N THR A 202 28.49 -16.32 -2.55
CA THR A 202 28.63 -15.27 -3.55
C THR A 202 28.08 -15.71 -4.89
N GLN A 203 27.37 -14.80 -5.56
CA GLN A 203 26.80 -15.08 -6.86
C GLN A 203 27.90 -15.36 -7.87
N PRO A 204 27.67 -16.26 -8.83
CA PRO A 204 28.74 -16.61 -9.77
C PRO A 204 29.26 -15.44 -10.58
N HIS A 205 28.39 -14.52 -11.00
CA HIS A 205 28.81 -13.46 -11.91
C HIS A 205 29.90 -12.58 -11.32
N MET A 206 29.85 -12.32 -10.01
CA MET A 206 30.85 -11.46 -9.39
C MET A 206 32.17 -12.20 -9.18
N GLN A 207 32.12 -13.52 -9.03
CA GLN A 207 33.32 -14.27 -8.68
C GLN A 207 34.38 -14.19 -9.79
N GLU A 208 33.97 -14.36 -11.05
CA GLU A 208 34.97 -14.29 -12.12
C GLU A 208 35.44 -12.87 -12.36
N PHE A 209 34.61 -11.87 -12.07
CA PHE A 209 34.99 -10.49 -12.31
C PHE A 209 36.21 -10.10 -11.48
N ARG A 210 36.20 -10.45 -10.19
CA ARG A 210 37.32 -10.10 -9.33
C ARG A 210 38.59 -10.84 -9.75
N LEU A 211 38.47 -12.14 -10.03
CA LEU A 211 39.64 -12.90 -10.47
C LEU A 211 40.14 -12.42 -11.83
N GLY A 212 39.21 -12.06 -12.71
CA GLY A 212 39.62 -11.51 -13.99
C GLY A 212 40.37 -10.20 -13.84
N VAL A 213 39.88 -9.32 -12.96
CA VAL A 213 40.59 -8.07 -12.70
C VAL A 213 41.97 -8.34 -12.12
N ARG A 214 42.07 -9.26 -11.17
CA ARG A 214 43.37 -9.59 -10.59
C ARG A 214 44.32 -10.13 -11.65
N LEU A 215 43.84 -11.03 -12.50
CA LEU A 215 44.68 -11.58 -13.56
C LEU A 215 45.14 -10.50 -14.51
N TYR A 216 44.26 -9.57 -14.87
CA TYR A 216 44.66 -8.45 -15.70
C TYR A 216 45.69 -7.57 -15.00
N SER A 217 45.63 -7.49 -13.67
CA SER A 217 46.61 -6.71 -12.92
C SER A 217 48.02 -7.26 -13.07
N GLU A 218 48.19 -8.59 -13.01
CA GLU A 218 49.50 -9.20 -13.20
C GLU A 218 49.91 -9.32 -14.66
N GLU A 219 49.24 -8.60 -15.56
CA GLU A 219 49.58 -8.59 -16.98
C GLU A 219 49.54 -9.99 -17.58
N GLN A 220 48.36 -10.62 -17.50
CA GLN A 220 48.10 -11.94 -18.07
C GLN A 220 46.84 -11.86 -18.93
N PRO A 221 46.88 -11.12 -20.04
CA PRO A 221 45.66 -10.93 -20.85
C PRO A 221 45.14 -12.21 -21.48
N GLN A 222 46.00 -13.20 -21.73
CA GLN A 222 45.55 -14.43 -22.38
C GLN A 222 44.52 -15.16 -21.52
N GLU A 223 44.75 -15.21 -20.22
CA GLU A 223 43.84 -15.87 -19.30
C GLU A 223 42.69 -14.96 -18.87
N ALA A 224 42.70 -13.70 -19.29
CA ALA A 224 41.70 -12.74 -18.84
C ALA A 224 40.40 -12.81 -19.64
N VAL A 225 40.49 -12.70 -20.97
CA VAL A 225 39.29 -12.46 -21.79
C VAL A 225 38.19 -13.50 -21.57
N PRO A 226 38.45 -14.81 -21.46
CA PRO A 226 37.32 -15.72 -21.23
C PRO A 226 36.59 -15.42 -19.93
N HIS A 227 37.33 -15.01 -18.89
CA HIS A 227 36.69 -14.68 -17.62
C HIS A 227 35.77 -13.49 -17.76
N LEU A 228 36.20 -12.44 -18.45
CA LEU A 228 35.33 -11.28 -18.64
C LEU A 228 34.13 -11.61 -19.51
N GLU A 229 34.31 -12.44 -20.54
CA GLU A 229 33.17 -12.83 -21.36
C GLU A 229 32.14 -13.61 -20.55
N ALA A 230 32.62 -14.56 -19.74
CA ALA A 230 31.71 -15.30 -18.87
C ALA A 230 31.04 -14.37 -17.87
N ALA A 231 31.78 -13.40 -17.34
CA ALA A 231 31.21 -12.44 -16.42
C ALA A 231 30.11 -11.63 -17.08
N LEU A 232 30.32 -11.22 -18.34
CA LEU A 232 29.28 -10.49 -19.07
C LEU A 232 28.02 -11.33 -19.20
N GLN A 233 28.18 -12.59 -19.65
CA GLN A 233 27.00 -13.43 -19.86
C GLN A 233 26.27 -13.69 -18.55
N GLU A 234 27.02 -14.00 -17.49
CA GLU A 234 26.38 -14.27 -16.19
C GLU A 234 25.75 -13.03 -15.61
N TYR A 235 26.34 -11.84 -15.85
CA TYR A 235 25.73 -10.62 -15.37
C TYR A 235 24.40 -10.35 -16.08
N PHE A 236 24.36 -10.60 -17.39
CA PHE A 236 23.09 -10.45 -18.10
C PHE A 236 22.05 -11.42 -17.56
N VAL A 237 22.45 -12.67 -17.33
CA VAL A 237 21.51 -13.66 -16.80
C VAL A 237 21.03 -13.26 -15.40
N ALA A 238 21.95 -12.77 -14.57
CA ALA A 238 21.59 -12.37 -13.21
C ALA A 238 20.65 -11.17 -13.23
N TYR A 239 20.87 -10.22 -14.13
CA TYR A 239 19.96 -9.08 -14.25
C TYR A 239 18.58 -9.56 -14.68
N GLU A 240 18.53 -10.49 -15.63
CA GLU A 240 17.25 -11.05 -16.05
C GLU A 240 16.54 -11.72 -14.88
N GLU A 241 17.28 -12.46 -14.06
CA GLU A 241 16.68 -13.10 -12.89
C GLU A 241 16.19 -12.07 -11.88
N CYS A 242 16.97 -11.02 -11.63
CA CYS A 242 16.59 -10.02 -10.63
C CYS A 242 15.36 -9.24 -11.06
N ARG A 243 15.21 -8.98 -12.36
CA ARG A 243 14.06 -8.22 -12.82
C ARG A 243 12.73 -8.94 -12.61
N ALA A 244 12.75 -10.28 -12.56
CA ALA A 244 11.52 -11.06 -12.48
C ALA A 244 11.25 -11.60 -11.08
N LEU A 245 12.08 -11.23 -10.09
CA LEU A 245 11.91 -11.69 -8.73
C LEU A 245 11.46 -10.55 -7.81
N CYS A 246 11.54 -9.30 -8.28
CA CYS A 246 11.18 -8.13 -7.50
C CYS A 246 9.69 -8.03 -7.18
N GLU A 247 8.83 -8.39 -8.12
CA GLU A 247 7.38 -8.22 -7.96
C GLU A 247 6.88 -8.87 -6.68
N GLY A 248 6.38 -8.07 -5.75
CA GLY A 248 5.93 -8.56 -4.47
C GLY A 248 4.84 -7.70 -3.87
N PRO A 249 4.56 -7.91 -2.58
CA PRO A 249 3.50 -7.16 -1.92
C PRO A 249 3.81 -5.67 -1.84
N TYR A 250 2.75 -4.87 -1.88
CA TYR A 250 2.89 -3.42 -1.70
C TYR A 250 3.32 -3.11 -0.27
N ASP A 251 4.04 -2.00 -0.12
CA ASP A 251 4.58 -1.58 1.17
C ASP A 251 3.74 -0.41 1.70
N TYR A 252 3.22 -0.56 2.91
CA TYR A 252 2.52 0.51 3.60
C TYR A 252 3.39 1.09 4.70
N ASP A 253 2.96 2.23 5.22
CA ASP A 253 3.70 2.92 6.29
C ASP A 253 3.02 2.65 7.62
N GLY A 254 3.54 1.69 8.38
CA GLY A 254 2.97 1.39 9.68
C GLY A 254 1.52 0.98 9.59
N TYR A 255 0.69 1.58 10.45
CA TYR A 255 -0.73 1.27 10.51
C TYR A 255 -1.55 2.20 9.63
N ASN A 256 -1.22 2.26 8.34
CA ASN A 256 -1.93 3.10 7.39
C ASN A 256 -2.94 2.33 6.55
N TYR A 257 -3.22 1.07 6.88
CA TYR A 257 -4.18 0.30 6.11
C TYR A 257 -5.58 0.92 6.21
N LEU A 258 -5.97 1.35 7.40
CA LEU A 258 -7.35 1.75 7.64
C LEU A 258 -7.73 3.02 6.91
N GLU A 259 -6.78 3.92 6.67
CA GLU A 259 -7.06 5.20 6.04
C GLU A 259 -6.62 5.26 4.58
N TYR A 260 -6.52 4.11 3.93
CA TYR A 260 -6.18 4.06 2.51
C TYR A 260 -7.45 4.17 1.68
N ASN A 261 -7.59 5.25 0.93
CA ASN A 261 -8.80 5.55 0.18
C ASN A 261 -8.47 5.90 -1.26
N ALA A 262 -7.61 5.11 -1.89
CA ALA A 262 -7.28 5.29 -3.30
C ALA A 262 -8.19 4.46 -4.18
N ASP A 263 -8.40 4.94 -5.39
CA ASP A 263 -9.25 4.24 -6.35
C ASP A 263 -8.45 3.15 -7.04
N LEU A 264 -9.08 2.47 -8.01
CA LEU A 264 -8.42 1.38 -8.73
C LEU A 264 -7.23 1.90 -9.52
N PHE A 265 -7.44 2.93 -10.35
CA PHE A 265 -6.38 3.44 -11.21
C PHE A 265 -5.26 4.12 -10.45
N GLN A 266 -5.53 4.62 -9.24
CA GLN A 266 -4.48 5.18 -8.41
C GLN A 266 -3.66 4.10 -7.72
N ALA A 267 -4.32 3.09 -7.18
CA ALA A 267 -3.61 1.99 -6.52
C ALA A 267 -2.74 1.23 -7.51
N ILE A 268 -3.26 0.99 -8.72
CA ILE A 268 -2.48 0.27 -9.73
C ILE A 268 -1.22 1.06 -10.07
N THR A 269 -1.36 2.37 -10.28
CA THR A 269 -0.22 3.19 -10.63
C THR A 269 0.81 3.24 -9.50
N ASP A 270 0.34 3.37 -8.26
CA ASP A 270 1.26 3.41 -7.12
C ASP A 270 2.03 2.09 -7.00
N HIS A 271 1.31 0.97 -7.11
CA HIS A 271 1.97 -0.34 -7.04
C HIS A 271 2.99 -0.51 -8.15
N TYR A 272 2.63 -0.12 -9.38
CA TYR A 272 3.56 -0.25 -10.48
C TYR A 272 4.77 0.65 -10.32
N ILE A 273 4.58 1.85 -9.78
CA ILE A 273 5.70 2.76 -9.56
C ILE A 273 6.68 2.16 -8.54
N GLN A 274 6.15 1.63 -7.45
CA GLN A 274 7.02 0.99 -6.46
C GLN A 274 7.73 -0.22 -7.06
N VAL A 275 7.02 -1.02 -7.85
CA VAL A 275 7.63 -2.18 -8.49
C VAL A 275 8.74 -1.76 -9.43
N LEU A 276 8.52 -0.70 -10.20
CA LEU A 276 9.56 -0.24 -11.13
C LEU A 276 10.77 0.29 -10.40
N ASN A 277 10.56 1.01 -9.28
CA ASN A 277 11.69 1.48 -8.49
C ASN A 277 12.50 0.31 -7.95
N CYS A 278 11.82 -0.70 -7.41
CA CYS A 278 12.50 -1.89 -6.94
C CYS A 278 13.25 -2.59 -8.06
N LYS A 279 12.65 -2.66 -9.25
CA LYS A 279 13.31 -3.27 -10.40
C LYS A 279 14.59 -2.53 -10.75
N GLN A 280 14.53 -1.20 -10.79
CA GLN A 280 15.71 -0.40 -11.08
C GLN A 280 16.77 -0.51 -9.99
N ASN A 281 16.38 -0.84 -8.76
CA ASN A 281 17.37 -1.04 -7.71
C ASN A 281 18.23 -2.29 -7.89
N CYS A 282 17.81 -3.22 -8.77
CA CYS A 282 18.62 -4.39 -9.09
C CYS A 282 19.97 -4.03 -9.68
N VAL A 283 20.07 -2.91 -10.38
CA VAL A 283 21.33 -2.46 -10.96
C VAL A 283 22.36 -2.11 -9.90
N THR A 284 21.98 -1.36 -8.86
CA THR A 284 22.90 -1.04 -7.78
C THR A 284 23.03 -2.17 -6.76
N GLU A 285 22.09 -3.12 -6.72
CA GLU A 285 22.27 -4.25 -5.82
C GLU A 285 23.32 -5.22 -6.33
N LEU A 286 23.31 -5.54 -7.62
CA LEU A 286 24.25 -6.50 -8.18
C LEU A 286 25.69 -5.99 -8.18
N ALA A 287 25.91 -4.68 -8.00
CA ALA A 287 27.24 -4.10 -8.06
C ALA A 287 27.84 -3.88 -6.66
N SER A 288 27.42 -4.67 -5.69
CA SER A 288 27.88 -4.53 -4.32
C SER A 288 28.43 -5.85 -3.81
N HIS A 289 29.49 -5.76 -3.00
CA HIS A 289 30.11 -6.91 -2.38
C HIS A 289 30.35 -6.60 -0.90
N PRO A 290 30.23 -7.61 -0.03
CA PRO A 290 30.49 -7.36 1.40
C PRO A 290 31.92 -6.92 1.68
N SER A 291 32.89 -7.31 0.84
CA SER A 291 34.27 -6.91 1.05
C SER A 291 34.47 -5.40 0.91
N ARG A 292 33.57 -4.72 0.23
CA ARG A 292 33.64 -3.28 0.02
C ARG A 292 32.45 -2.60 0.69
N GLU A 293 32.62 -1.32 1.00
CA GLU A 293 31.59 -0.54 1.68
C GLU A 293 31.02 0.51 0.71
N LYS A 294 31.36 0.36 -0.56
CA LYS A 294 30.83 1.22 -1.61
C LYS A 294 30.51 0.38 -2.84
N PRO A 295 29.31 0.49 -3.40
CA PRO A 295 29.01 -0.20 -4.66
C PRO A 295 29.96 0.22 -5.76
N PHE A 296 30.42 -0.74 -6.56
CA PHE A 296 31.37 -0.44 -7.62
C PHE A 296 30.79 0.55 -8.61
N GLU A 297 31.53 1.64 -8.84
CA GLU A 297 31.09 2.65 -9.79
C GLU A 297 31.08 2.12 -11.20
N ASP A 298 30.13 2.60 -12.01
CA ASP A 298 29.98 2.29 -13.43
C ASP A 298 30.35 0.85 -13.76
N PHE A 299 29.64 -0.09 -13.14
CA PHE A 299 30.00 -1.52 -13.22
C PHE A 299 30.07 -2.01 -14.66
N LEU A 300 29.01 -1.80 -15.43
CA LEU A 300 28.96 -2.29 -16.80
C LEU A 300 30.02 -1.68 -17.70
N PRO A 301 30.18 -0.34 -17.73
CA PRO A 301 31.21 0.24 -18.61
C PRO A 301 32.63 -0.22 -18.31
N SER A 302 32.95 -0.42 -17.03
CA SER A 302 34.31 -0.83 -16.66
C SER A 302 34.64 -2.20 -17.23
N HIS A 303 33.63 -3.08 -17.31
CA HIS A 303 33.82 -4.39 -17.93
C HIS A 303 34.34 -4.24 -19.35
N TYR A 304 33.66 -3.41 -20.16
CA TYR A 304 34.08 -3.21 -21.53
C TYR A 304 35.43 -2.51 -21.61
N ASN A 305 35.70 -1.58 -20.69
CA ASN A 305 37.00 -0.91 -20.69
C ASN A 305 38.14 -1.91 -20.49
N TYR A 306 38.04 -2.73 -19.44
CA TYR A 306 39.06 -3.74 -19.19
C TYR A 306 39.14 -4.72 -20.35
N LEU A 307 38.00 -5.12 -20.89
CA LEU A 307 37.97 -6.13 -21.94
C LEU A 307 38.66 -5.61 -23.20
N GLN A 308 38.40 -4.35 -23.58
CA GLN A 308 39.04 -3.78 -24.75
C GLN A 308 40.53 -3.57 -24.52
N PHE A 309 40.92 -3.19 -23.30
CA PHE A 309 42.34 -3.09 -23.00
C PHE A 309 43.03 -4.44 -23.17
N ALA A 310 42.40 -5.51 -22.67
CA ALA A 310 42.96 -6.84 -22.82
C ALA A 310 43.04 -7.25 -24.28
N TYR A 311 42.00 -6.96 -25.06
CA TYR A 311 41.99 -7.31 -26.48
C TYR A 311 43.09 -6.56 -27.23
N TYR A 312 43.33 -5.30 -26.88
CA TYR A 312 44.45 -4.59 -27.47
C TYR A 312 45.77 -5.22 -27.06
N ASN A 313 45.86 -5.67 -25.81
CA ASN A 313 47.10 -6.31 -25.34
C ASN A 313 47.40 -7.57 -26.14
N ILE A 314 46.40 -8.44 -26.34
CA ILE A 314 46.64 -9.68 -27.08
C ILE A 314 46.85 -9.38 -28.56
N GLY A 315 46.03 -8.50 -29.13
CA GLY A 315 46.19 -8.13 -30.53
C GLY A 315 44.94 -8.26 -31.38
N ASN A 316 43.83 -8.70 -30.78
CA ASN A 316 42.58 -8.84 -31.52
C ASN A 316 41.99 -7.46 -31.75
N TYR A 317 42.29 -6.87 -32.91
CA TYR A 317 41.91 -5.50 -33.20
C TYR A 317 40.41 -5.31 -33.43
N THR A 318 39.78 -6.24 -34.15
CA THR A 318 38.34 -6.11 -34.43
C THR A 318 37.53 -6.11 -33.15
N GLN A 319 37.82 -7.06 -32.25
CA GLN A 319 37.12 -7.08 -30.97
C GLN A 319 37.42 -5.82 -30.16
N ALA A 320 38.65 -5.31 -30.24
CA ALA A 320 39.01 -4.10 -29.51
C ALA A 320 38.19 -2.91 -29.98
N VAL A 321 38.10 -2.69 -31.29
CA VAL A 321 37.34 -1.56 -31.79
C VAL A 321 35.85 -1.74 -31.53
N GLU A 322 35.37 -2.98 -31.61
CA GLU A 322 33.98 -3.25 -31.26
C GLU A 322 33.68 -2.87 -29.82
N CYS A 323 34.56 -3.29 -28.89
CA CYS A 323 34.36 -2.96 -27.49
C CYS A 323 34.46 -1.47 -27.24
N ALA A 324 35.38 -0.79 -27.94
CA ALA A 324 35.48 0.66 -27.81
C ALA A 324 34.20 1.34 -28.27
N LYS A 325 33.63 0.89 -29.38
CA LYS A 325 32.36 1.44 -29.84
C LYS A 325 31.25 1.18 -28.83
N THR A 326 31.22 -0.03 -28.25
CA THR A 326 30.19 -0.33 -27.25
C THR A 326 30.31 0.58 -26.04
N TYR A 327 31.52 0.85 -25.55
CA TYR A 327 31.67 1.77 -24.44
C TYR A 327 31.27 3.19 -24.83
N LEU A 328 31.72 3.65 -26.00
CA LEU A 328 31.39 4.99 -26.45
C LEU A 328 29.89 5.18 -26.67
N LEU A 329 29.15 4.08 -26.87
CA LEU A 329 27.70 4.19 -26.88
C LEU A 329 27.19 4.74 -25.56
N PHE A 330 27.75 4.28 -24.44
CA PHE A 330 27.34 4.79 -23.14
C PHE A 330 27.82 6.22 -22.92
N PHE A 331 29.10 6.48 -23.20
CA PHE A 331 29.70 7.81 -23.01
C PHE A 331 30.17 8.33 -24.36
N PRO A 332 29.45 9.28 -24.95
CA PRO A 332 29.82 9.79 -26.27
C PRO A 332 30.88 10.89 -26.26
N ASN A 333 31.47 11.21 -25.11
CA ASN A 333 32.40 12.33 -25.02
C ASN A 333 33.64 12.01 -24.20
N ASP A 334 34.01 10.74 -24.09
CA ASP A 334 35.24 10.35 -23.40
C ASP A 334 36.42 10.58 -24.33
N GLU A 335 37.25 11.56 -24.00
CA GLU A 335 38.37 11.92 -24.88
C GLU A 335 39.40 10.80 -24.98
N VAL A 336 39.66 10.11 -23.86
CA VAL A 336 40.75 9.13 -23.83
C VAL A 336 40.48 7.98 -24.80
N MET A 337 39.33 7.34 -24.69
CA MET A 337 39.10 6.23 -25.61
C MET A 337 38.63 6.73 -26.98
N ASN A 338 38.25 7.99 -27.08
CA ASN A 338 38.12 8.58 -28.41
C ASN A 338 39.47 8.57 -29.13
N GLN A 339 40.52 9.00 -28.43
CA GLN A 339 41.88 8.91 -28.96
C GLN A 339 42.25 7.45 -29.22
N ASN A 340 41.85 6.56 -28.30
CA ASN A 340 42.15 5.14 -28.47
C ASN A 340 41.49 4.57 -29.72
N LEU A 341 40.24 4.93 -29.97
CA LEU A 341 39.53 4.45 -31.15
C LEU A 341 40.13 5.03 -32.43
N ALA A 342 40.50 6.31 -32.40
CA ALA A 342 41.18 6.89 -33.55
C ALA A 342 42.48 6.16 -33.84
N TYR A 343 43.24 5.85 -32.78
CA TYR A 343 44.48 5.10 -32.95
C TYR A 343 44.23 3.71 -33.54
N TYR A 344 43.25 2.99 -32.99
CA TYR A 344 42.95 1.65 -33.49
C TYR A 344 42.52 1.68 -34.94
N ALA A 345 41.69 2.66 -35.32
CA ALA A 345 41.34 2.84 -36.72
C ALA A 345 42.58 3.15 -37.56
N ALA A 346 43.53 3.89 -36.99
CA ALA A 346 44.75 4.19 -37.72
C ALA A 346 45.55 2.93 -38.04
N MET A 347 45.71 2.04 -37.05
CA MET A 347 46.36 0.77 -37.34
C MET A 347 45.52 -0.10 -38.27
N LEU A 348 44.21 -0.12 -38.07
CA LEU A 348 43.32 -0.94 -38.89
C LEU A 348 42.96 -0.20 -40.18
N GLY A 349 41.99 -0.74 -40.92
CA GLY A 349 41.51 -0.09 -42.11
C GLY A 349 40.18 0.63 -41.89
N GLU A 350 39.96 1.67 -42.71
CA GLU A 350 38.75 2.46 -42.57
C GLU A 350 37.50 1.63 -42.84
N GLU A 351 37.51 0.85 -43.93
CA GLU A 351 36.33 0.08 -44.29
C GLU A 351 35.93 -0.88 -43.16
N HIS A 352 36.91 -1.57 -42.58
CA HIS A 352 36.63 -2.39 -41.40
C HIS A 352 36.16 -1.52 -40.23
N THR A 353 36.64 -0.27 -40.18
CA THR A 353 36.25 0.60 -39.07
C THR A 353 34.76 0.90 -39.09
N ARG A 354 34.20 1.30 -40.24
CA ARG A 354 32.75 1.49 -40.27
C ARG A 354 32.01 0.16 -40.33
N SER A 355 32.69 -0.91 -40.77
CA SER A 355 32.03 -2.20 -40.89
C SER A 355 31.57 -2.73 -39.54
N ILE A 356 32.39 -2.60 -38.50
CA ILE A 356 32.08 -3.19 -37.20
C ILE A 356 31.35 -2.17 -36.35
N GLY A 357 30.26 -2.60 -35.72
CA GLY A 357 29.49 -1.76 -34.84
C GLY A 357 29.40 -2.33 -33.44
N PRO A 358 28.60 -1.69 -32.58
CA PRO A 358 28.47 -2.16 -31.19
C PRO A 358 27.66 -3.44 -31.08
N ARG A 359 27.48 -3.92 -29.85
CA ARG A 359 26.74 -5.15 -29.59
C ARG A 359 25.28 -4.83 -29.29
N GLU A 360 24.40 -5.76 -29.69
CA GLU A 360 22.97 -5.53 -29.59
C GLU A 360 22.44 -5.65 -28.17
N SER A 361 23.06 -6.49 -27.34
CA SER A 361 22.59 -6.66 -25.97
C SER A 361 22.70 -5.35 -25.19
N ALA A 362 23.82 -4.64 -25.33
CA ALA A 362 23.97 -3.35 -24.69
C ALA A 362 22.94 -2.36 -25.23
N LYS A 363 22.64 -2.42 -26.52
CA LYS A 363 21.64 -1.53 -27.10
C LYS A 363 20.28 -1.76 -26.47
N GLU A 364 19.87 -3.03 -26.36
CA GLU A 364 18.57 -3.35 -25.75
C GLU A 364 18.53 -2.92 -24.29
N TYR A 365 19.61 -3.19 -23.55
CA TYR A 365 19.67 -2.80 -22.14
C TYR A 365 19.55 -1.28 -22.00
N ARG A 366 20.27 -0.54 -22.83
CA ARG A 366 20.23 0.92 -22.78
C ARG A 366 18.84 1.45 -23.11
N GLN A 367 18.20 0.89 -24.15
CA GLN A 367 16.86 1.34 -24.52
C GLN A 367 15.87 1.12 -23.38
N ARG A 368 15.85 -0.09 -22.82
CA ARG A 368 14.91 -0.38 -21.74
C ARG A 368 15.17 0.49 -20.52
N SER A 369 16.45 0.65 -20.16
CA SER A 369 16.79 1.47 -19.00
C SER A 369 16.36 2.92 -19.20
N LEU A 370 16.58 3.46 -20.41
CA LEU A 370 16.16 4.83 -20.68
C LEU A 370 14.65 4.97 -20.58
N LEU A 371 13.91 3.98 -21.07
CA LEU A 371 12.45 4.06 -20.97
C LEU A 371 11.99 4.04 -19.53
N GLU A 372 12.55 3.13 -18.71
CA GLU A 372 12.14 3.10 -17.30
C GLU A 372 12.52 4.40 -16.59
N LYS A 373 13.69 4.94 -16.89
CA LYS A 373 14.11 6.17 -16.24
C LYS A 373 13.21 7.34 -16.62
N GLU A 374 12.80 7.41 -17.89
CA GLU A 374 11.87 8.46 -18.31
C GLU A 374 10.55 8.33 -17.58
N LEU A 375 10.02 7.11 -17.47
CA LEU A 375 8.76 6.93 -16.76
C LEU A 375 8.89 7.31 -15.30
N LEU A 376 9.99 6.91 -14.66
CA LEU A 376 10.21 7.24 -13.25
C LEU A 376 10.31 8.75 -13.05
N PHE A 377 11.02 9.45 -13.94
CA PHE A 377 11.15 10.90 -13.79
C PHE A 377 9.82 11.60 -14.00
N PHE A 378 9.02 11.12 -14.95
CA PHE A 378 7.68 11.69 -15.12
C PHE A 378 6.84 11.50 -13.87
N ALA A 379 6.91 10.30 -13.27
CA ALA A 379 6.18 10.05 -12.04
C ALA A 379 6.66 10.96 -10.91
N TYR A 380 7.96 11.15 -10.79
CA TYR A 380 8.50 12.05 -9.78
C TYR A 380 8.01 13.47 -10.00
N ASP A 381 8.00 13.93 -11.25
CA ASP A 381 7.52 15.27 -11.54
C ASP A 381 6.06 15.44 -11.18
N VAL A 382 5.23 14.45 -11.51
CA VAL A 382 3.79 14.60 -11.34
C VAL A 382 3.37 14.36 -9.90
N PHE A 383 3.59 13.14 -9.40
CA PHE A 383 3.07 12.73 -8.10
C PHE A 383 4.01 13.07 -6.95
N GLY A 384 5.23 13.53 -7.23
CA GLY A 384 6.17 13.86 -6.18
C GLY A 384 6.63 12.68 -5.35
N ILE A 385 6.87 11.54 -5.99
CA ILE A 385 7.41 10.36 -5.33
C ILE A 385 8.91 10.33 -5.58
N PRO A 386 9.75 10.42 -4.55
CA PRO A 386 11.20 10.60 -4.79
C PRO A 386 11.82 9.43 -5.53
N PHE A 387 12.83 9.75 -6.34
CA PHE A 387 13.57 8.76 -7.10
C PHE A 387 14.99 9.29 -7.32
N VAL A 388 15.98 8.40 -7.26
CA VAL A 388 17.37 8.76 -7.43
C VAL A 388 17.96 7.88 -8.53
N ASP A 389 18.70 8.50 -9.44
CA ASP A 389 19.27 7.76 -10.55
C ASP A 389 20.44 6.91 -10.08
N PRO A 390 20.40 5.59 -10.29
CA PRO A 390 21.54 4.74 -9.95
C PRO A 390 22.62 4.67 -11.03
N ASP A 391 22.42 5.35 -12.16
CA ASP A 391 23.37 5.35 -13.26
C ASP A 391 23.86 6.78 -13.51
N SER A 392 25.16 6.90 -13.79
CA SER A 392 25.77 8.20 -14.05
C SER A 392 25.83 8.53 -15.54
N TRP A 393 25.34 7.66 -16.41
CA TRP A 393 25.40 7.87 -17.85
C TRP A 393 24.06 8.30 -18.44
N THR A 394 23.10 8.68 -17.61
CA THR A 394 21.78 9.07 -18.10
C THR A 394 21.86 10.44 -18.77
N PRO A 395 21.43 10.57 -20.03
CA PRO A 395 21.38 11.89 -20.65
C PRO A 395 20.32 12.77 -20.00
N GLU A 396 20.58 14.08 -20.04
CA GLU A 396 19.67 15.03 -19.40
C GLU A 396 18.38 15.24 -20.19
N GLU A 397 18.29 14.71 -21.41
CA GLU A 397 17.10 14.92 -22.23
C GLU A 397 15.86 14.23 -21.68
N VAL A 398 16.02 13.22 -20.81
CA VAL A 398 14.86 12.55 -20.22
C VAL A 398 14.35 13.23 -18.97
N ILE A 399 15.14 14.12 -18.38
CA ILE A 399 14.72 14.85 -17.17
C ILE A 399 13.72 15.93 -17.57
N PRO A 400 12.56 16.00 -16.91
CA PRO A 400 11.62 17.08 -17.21
C PRO A 400 12.20 18.44 -16.84
N LYS A 401 11.69 19.47 -17.52
CA LYS A 401 12.24 20.82 -17.35
C LYS A 401 12.10 21.32 -15.93
N ARG A 402 10.97 21.06 -15.28
CA ARG A 402 10.77 21.54 -13.91
C ARG A 402 11.78 20.94 -12.96
N LEU A 403 12.08 19.64 -13.11
CA LEU A 403 13.06 18.99 -12.25
C LEU A 403 14.46 19.53 -12.48
N GLN A 404 14.80 19.87 -13.73
CA GLN A 404 16.14 20.34 -14.04
C GLN A 404 16.48 21.63 -13.30
N GLU A 405 15.51 22.53 -13.16
CA GLU A 405 15.77 23.78 -12.45
C GLU A 405 16.12 23.54 -10.99
N LYS A 406 15.44 22.59 -10.34
CA LYS A 406 15.74 22.28 -8.95
C LYS A 406 17.16 21.76 -8.80
N GLN A 407 17.58 20.87 -9.70
CA GLN A 407 18.94 20.35 -9.62
C GLN A 407 19.97 21.44 -9.89
N LYS A 408 19.63 22.40 -10.76
CA LYS A 408 20.51 23.55 -10.97
C LYS A 408 20.66 24.38 -9.70
N SER A 409 19.55 24.56 -8.98
CA SER A 409 19.59 25.37 -7.76
C SER A 409 20.47 24.73 -6.68
N GLU A 410 20.33 23.42 -6.48
CA GLU A 410 21.11 22.75 -5.44
C GLU A 410 22.59 22.71 -5.80
N ARG A 411 22.92 22.62 -7.09
CA ARG A 411 24.32 22.66 -7.50
C ARG A 411 24.94 24.02 -7.25
N GLU A 412 24.20 25.10 -7.48
CA GLU A 412 24.73 26.44 -7.23
C GLU A 412 25.04 26.64 -5.75
N THR A 413 24.11 26.28 -4.87
CA THR A 413 24.34 26.41 -3.44
C THR A 413 25.35 25.40 -2.91
N ALA A 414 25.60 24.31 -3.66
CA ALA A 414 26.63 23.36 -3.24
C ALA A 414 28.01 23.99 -3.29
N VAL A 415 28.29 24.78 -4.33
CA VAL A 415 29.59 25.45 -4.43
C VAL A 415 29.60 26.76 -3.66
N ARG A 416 28.44 27.37 -3.42
CA ARG A 416 28.39 28.60 -2.63
C ARG A 416 28.86 28.34 -1.21
N ILE A 417 28.34 27.29 -0.56
CA ILE A 417 28.74 26.99 0.81
C ILE A 417 30.21 26.59 0.86
N SER A 418 30.69 25.89 -0.17
CA SER A 418 32.08 25.48 -0.21
C SER A 418 33.03 26.67 -0.18
N GLN A 419 32.62 27.81 -0.76
CA GLN A 419 33.45 29.00 -0.70
C GLN A 419 33.47 29.60 0.70
N GLU A 420 32.31 29.63 1.37
CA GLU A 420 32.23 30.25 2.69
C GLU A 420 33.11 29.53 3.71
N ILE A 421 33.06 28.20 3.74
CA ILE A 421 33.90 27.45 4.68
C ILE A 421 35.37 27.68 4.37
N GLY A 422 35.74 27.64 3.09
CA GLY A 422 37.14 27.81 2.73
C GLY A 422 37.72 29.13 3.18
N ASN A 423 36.86 30.14 3.36
CA ASN A 423 37.32 31.43 3.85
C ASN A 423 37.72 31.37 5.32
N LEU A 424 37.23 30.36 6.05
CA LEU A 424 37.43 30.35 7.50
C LEU A 424 38.85 30.00 7.89
N MET A 425 39.33 28.82 7.51
CA MET A 425 40.65 28.40 7.96
C MET A 425 41.76 29.25 7.33
N LYS A 426 41.50 29.85 6.17
CA LYS A 426 42.50 30.75 5.60
C LYS A 426 42.67 32.00 6.46
N GLU A 427 41.61 32.42 7.16
CA GLU A 427 41.75 33.47 8.15
C GLU A 427 42.39 32.96 9.42
N ILE A 428 42.29 31.66 9.69
CA ILE A 428 42.86 31.07 10.88
C ILE A 428 44.34 30.77 10.66
N ASP A 441 38.22 23.64 17.95
CA ASP A 441 39.20 22.77 17.29
C ASP A 441 38.76 22.46 15.86
N VAL A 442 38.59 23.51 15.05
CA VAL A 442 38.24 23.40 13.64
C VAL A 442 36.88 22.73 13.46
N SER A 443 36.78 21.46 13.87
CA SER A 443 35.53 20.71 13.73
C SER A 443 34.37 21.36 14.47
N ARG A 444 34.63 22.16 15.50
CA ARG A 444 33.59 22.87 16.22
C ARG A 444 33.42 24.30 15.72
N LEU A 445 34.12 24.69 14.67
CA LEU A 445 34.04 26.05 14.15
C LEU A 445 33.62 26.11 12.69
N THR A 446 34.09 25.19 11.85
CA THR A 446 33.83 25.24 10.42
C THR A 446 32.52 24.55 10.03
N ARG A 447 31.80 23.95 10.97
CA ARG A 447 30.59 23.21 10.63
C ARG A 447 29.37 23.72 11.41
N GLU A 448 29.49 24.85 12.09
CA GLU A 448 28.37 25.50 12.76
C GLU A 448 28.51 27.00 12.61
N GLY A 449 27.64 27.74 13.29
CA GLY A 449 27.62 29.19 13.19
C GLY A 449 26.97 29.68 11.91
N GLY A 450 25.69 29.37 11.74
CA GLY A 450 24.97 29.70 10.52
C GLY A 450 24.53 31.14 10.46
N PRO A 451 24.04 31.55 9.28
CA PRO A 451 23.59 32.95 9.12
C PRO A 451 22.41 33.33 9.99
N LEU A 452 21.55 32.37 10.36
CA LEU A 452 20.33 32.65 11.12
C LEU A 452 19.43 33.63 10.35
N LEU A 453 18.93 33.16 9.21
CA LEU A 453 18.19 33.98 8.25
C LEU A 453 17.04 34.75 8.88
N TYR A 454 16.07 34.05 9.47
CA TYR A 454 14.88 34.70 10.00
C TYR A 454 15.23 35.74 11.07
N GLU A 455 14.73 36.95 10.90
CA GLU A 455 15.03 38.03 11.85
C GLU A 455 14.31 37.78 13.17
N GLY A 456 14.97 38.12 14.27
CA GLY A 456 14.38 37.97 15.59
C GLY A 456 15.10 36.95 16.43
N ILE A 457 15.61 35.89 15.81
CA ILE A 457 16.30 34.83 16.50
C ILE A 457 17.59 35.36 17.12
N SER A 458 18.01 34.74 18.23
CA SER A 458 19.24 35.09 18.92
C SER A 458 20.20 33.90 18.88
N LEU A 459 21.34 34.05 19.56
CA LEU A 459 22.34 32.99 19.67
C LEU A 459 22.80 32.92 21.13
N THR A 460 21.83 32.87 22.04
CA THR A 460 22.12 32.92 23.47
C THR A 460 22.95 31.75 23.95
N MET A 461 22.82 30.58 23.34
CA MET A 461 23.40 29.36 23.88
C MET A 461 24.14 28.62 22.77
N ASN A 462 25.44 28.37 23.00
CA ASN A 462 26.30 27.86 21.94
C ASN A 462 27.04 26.58 22.33
N SER A 463 27.62 25.90 21.33
CA SER A 463 28.13 24.55 21.53
C SER A 463 29.24 24.48 22.57
N LYS A 464 30.16 25.45 22.58
CA LYS A 464 31.29 25.39 23.49
C LYS A 464 30.82 25.44 24.94
N LEU A 465 29.82 26.28 25.24
CA LEU A 465 29.34 26.42 26.60
C LEU A 465 28.76 25.12 27.14
N LEU A 466 28.17 24.30 26.27
CA LEU A 466 27.52 23.07 26.70
C LEU A 466 28.52 21.99 27.13
N ASN A 467 29.79 22.12 26.76
CA ASN A 467 30.78 21.06 26.88
C ASN A 467 30.39 19.87 26.00
N GLY A 468 30.28 20.14 24.70
CA GLY A 468 29.92 19.15 23.72
C GLY A 468 29.96 19.68 22.30
N SER A 469 29.88 18.79 21.32
CA SER A 469 29.93 19.19 19.92
C SER A 469 28.62 18.88 19.22
N GLN A 470 28.37 19.58 18.11
CA GLN A 470 27.15 19.44 17.33
C GLN A 470 25.91 19.63 18.20
N ARG A 471 25.90 20.74 18.93
CA ARG A 471 24.86 21.01 19.91
C ARG A 471 24.59 22.50 19.93
N VAL A 472 23.31 22.87 20.05
CA VAL A 472 22.91 24.27 20.11
C VAL A 472 21.49 24.34 20.65
N VAL A 473 21.21 25.40 21.41
CA VAL A 473 19.88 25.68 21.93
C VAL A 473 19.50 27.07 21.45
N MET A 474 18.35 27.18 20.78
CA MET A 474 17.90 28.43 20.21
C MET A 474 16.84 29.06 21.12
N ASP A 475 16.68 30.38 20.98
CA ASP A 475 15.73 31.13 21.79
C ASP A 475 14.98 32.10 20.89
N GLY A 476 13.70 31.86 20.69
CA GLY A 476 12.83 32.79 19.99
C GLY A 476 12.46 32.43 18.56
N VAL A 477 12.29 31.14 18.24
CA VAL A 477 11.88 30.75 16.89
C VAL A 477 10.39 31.01 16.73
N ILE A 478 9.69 31.15 17.85
CA ILE A 478 8.26 31.44 17.85
C ILE A 478 8.00 32.62 18.77
N SER A 479 6.73 33.02 18.89
CA SER A 479 6.37 34.11 19.78
C SER A 479 5.46 33.61 20.90
N ASP A 480 5.04 34.51 21.78
CA ASP A 480 4.18 34.12 22.89
C ASP A 480 2.72 34.08 22.45
N HIS A 481 2.32 35.03 21.62
CA HIS A 481 0.94 35.08 21.16
C HIS A 481 0.61 33.91 20.25
N GLU A 482 1.62 33.35 19.59
CA GLU A 482 1.41 32.19 18.72
C GLU A 482 1.37 30.90 19.53
N CYS A 483 2.02 30.90 20.70
CA CYS A 483 2.23 29.69 21.48
C CYS A 483 0.93 28.99 21.89
N GLN A 484 0.00 29.72 22.49
CA GLN A 484 -1.19 29.11 23.07
C GLN A 484 -2.10 28.47 22.04
N GLU A 485 -1.95 28.85 20.77
CA GLU A 485 -2.71 28.20 19.71
C GLU A 485 -2.36 26.72 19.59
N LEU A 486 -1.06 26.40 19.67
CA LEU A 486 -0.64 25.01 19.64
C LEU A 486 -1.15 24.25 20.85
N GLN A 487 -1.13 24.90 22.03
CA GLN A 487 -1.66 24.26 23.23
C GLN A 487 -3.14 23.96 23.07
N ARG A 488 -3.91 24.91 22.53
CA ARG A 488 -5.33 24.66 22.28
C ARG A 488 -5.51 23.51 21.30
N LEU A 489 -4.70 23.48 20.23
CA LEU A 489 -4.83 22.43 19.22
C LEU A 489 -4.56 21.06 19.83
N THR A 490 -3.53 20.93 20.65
CA THR A 490 -3.23 19.62 21.22
C THR A 490 -4.19 19.24 22.34
N ASN A 491 -4.75 20.23 23.04
CA ASN A 491 -5.67 19.93 24.12
C ASN A 491 -7.05 19.54 23.60
N VAL A 492 -7.48 20.12 22.48
CA VAL A 492 -8.80 19.79 21.92
C VAL A 492 -8.83 18.33 21.50
N ALA A 493 -7.79 17.86 20.84
CA ALA A 493 -7.72 16.47 20.40
C ALA A 493 -6.49 15.77 21.00
N GLY A 515 0.58 11.88 20.64
CA GLY A 515 1.24 12.47 19.49
C GLY A 515 0.33 12.62 18.29
N VAL A 516 0.32 13.81 17.69
CA VAL A 516 -0.52 14.11 16.54
C VAL A 516 0.39 14.51 15.38
N THR A 517 0.15 13.93 14.21
CA THR A 517 0.89 14.28 13.02
C THR A 517 0.28 15.51 12.36
N VAL A 518 1.08 16.21 11.56
CA VAL A 518 0.61 17.40 10.87
C VAL A 518 -0.53 17.06 9.91
N PHE A 519 -0.41 15.94 9.20
CA PHE A 519 -1.46 15.55 8.26
C PHE A 519 -2.78 15.26 8.99
N LYS A 520 -2.71 14.58 10.14
CA LYS A 520 -3.93 14.28 10.88
C LYS A 520 -4.55 15.56 11.42
N ALA A 521 -3.73 16.50 11.88
CA ALA A 521 -4.26 17.79 12.32
C ALA A 521 -4.93 18.53 11.17
N LEU A 522 -4.32 18.48 9.98
CA LEU A 522 -4.93 19.11 8.81
C LEU A 522 -6.27 18.46 8.48
N LYS A 523 -6.34 17.13 8.53
CA LYS A 523 -7.60 16.45 8.26
C LYS A 523 -8.67 16.82 9.28
N LEU A 524 -8.29 16.87 10.56
CA LEU A 524 -9.25 17.25 11.60
C LEU A 524 -9.74 18.68 11.40
N GLY A 525 -8.84 19.58 11.00
CA GLY A 525 -9.25 20.94 10.70
C GLY A 525 -10.18 21.01 9.51
N GLN A 526 -9.93 20.18 8.49
CA GLN A 526 -10.82 20.11 7.34
C GLN A 526 -12.21 19.63 7.76
N GLU A 527 -12.27 18.62 8.62
CA GLU A 527 -13.55 18.14 9.11
C GLU A 527 -14.27 19.21 9.93
N GLY A 528 -13.51 19.97 10.72
CA GLY A 528 -14.09 21.05 11.50
C GLY A 528 -13.98 20.86 12.99
N LYS A 529 -13.35 19.75 13.40
CA LYS A 529 -13.20 19.48 14.83
C LYS A 529 -12.28 20.50 15.49
N VAL A 530 -11.21 20.89 14.80
CA VAL A 530 -10.20 21.79 15.38
C VAL A 530 -10.06 23.03 14.49
N PRO A 531 -9.66 24.17 15.04
CA PRO A 531 -9.47 25.36 14.19
C PRO A 531 -8.40 25.14 13.13
N LEU A 532 -8.64 25.73 11.96
CA LEU A 532 -7.72 25.58 10.83
C LEU A 532 -6.47 26.44 10.97
N GLN A 533 -6.59 27.60 11.63
CA GLN A 533 -5.47 28.53 11.74
C GLN A 533 -4.29 27.89 12.49
N SER A 534 -4.59 27.18 13.57
CA SER A 534 -3.55 26.51 14.33
C SER A 534 -2.88 25.43 13.48
N ALA A 535 -3.67 24.68 12.70
CA ALA A 535 -3.10 23.67 11.82
C ALA A 535 -2.16 24.29 10.79
N HIS A 536 -2.54 25.42 10.20
CA HIS A 536 -1.67 26.12 9.27
C HIS A 536 -0.40 26.62 9.95
N LEU A 537 -0.52 27.17 11.16
CA LEU A 537 0.65 27.63 11.89
C LEU A 537 1.59 26.49 12.21
N TYR A 538 1.04 25.30 12.47
CA TYR A 538 1.88 24.12 12.69
C TYR A 538 2.79 23.85 11.50
N TYR A 539 2.20 23.81 10.30
CA TYR A 539 2.98 23.58 9.08
C TYR A 539 3.99 24.69 8.87
N ASN A 540 3.59 25.94 9.08
CA ASN A 540 4.50 27.06 8.86
C ASN A 540 5.70 26.99 9.80
N VAL A 541 5.46 26.72 11.09
CA VAL A 541 6.57 26.66 12.05
C VAL A 541 7.45 25.45 11.75
N THR A 542 6.86 24.34 11.30
CA THR A 542 7.67 23.19 10.92
C THR A 542 8.62 23.55 9.78
N GLU A 543 8.10 24.20 8.74
CA GLU A 543 8.95 24.58 7.61
C GLU A 543 10.04 25.56 8.04
N LYS A 544 9.67 26.56 8.86
CA LYS A 544 10.65 27.53 9.31
C LYS A 544 11.76 26.89 10.12
N VAL A 545 11.40 26.00 11.05
CA VAL A 545 12.41 25.37 11.88
C VAL A 545 13.28 24.44 11.05
N ARG A 546 12.70 23.77 10.04
CA ARG A 546 13.51 22.93 9.17
C ARG A 546 14.53 23.75 8.41
N ARG A 547 14.11 24.87 7.82
CA ARG A 547 15.05 25.69 7.06
C ARG A 547 16.14 26.30 7.94
N ILE A 548 15.80 26.81 9.13
CA ILE A 548 16.82 27.36 10.01
C ILE A 548 17.77 26.28 10.53
N MET A 549 17.27 25.08 10.84
CA MET A 549 18.14 23.99 11.26
C MET A 549 19.11 23.60 10.16
N GLU A 550 18.62 23.53 8.91
CA GLU A 550 19.51 23.25 7.79
C GLU A 550 20.57 24.33 7.63
N SER A 551 20.15 25.60 7.74
CA SER A 551 21.08 26.70 7.52
C SER A 551 22.17 26.78 8.57
N TYR A 552 21.82 26.55 9.84
CA TYR A 552 22.77 26.81 10.92
C TYR A 552 24.01 25.91 10.83
N PHE A 553 23.81 24.63 10.55
CA PHE A 553 24.89 23.65 10.63
C PHE A 553 25.73 23.57 9.36
N ARG A 554 25.54 24.50 8.43
CA ARG A 554 26.36 24.59 7.22
C ARG A 554 26.34 23.26 6.44
N LEU A 555 25.14 22.84 6.08
CA LEU A 555 24.94 21.61 5.32
C LEU A 555 24.77 21.93 3.85
N ASP A 556 25.52 21.20 3.00
CA ASP A 556 25.44 21.40 1.57
C ASP A 556 24.29 20.60 0.95
N THR A 557 24.18 19.33 1.29
CA THR A 557 23.10 18.51 0.77
C THR A 557 21.76 18.99 1.34
N PRO A 558 20.72 19.10 0.52
CA PRO A 558 19.41 19.50 1.04
C PRO A 558 18.90 18.52 2.09
N LEU A 559 18.21 19.06 3.09
CA LEU A 559 17.76 18.29 4.24
C LEU A 559 16.29 17.93 4.06
N TYR A 560 15.96 16.67 4.30
CA TYR A 560 14.61 16.16 4.10
C TYR A 560 13.95 15.85 5.43
N PHE A 561 12.69 15.43 5.37
CA PHE A 561 11.87 15.18 6.55
C PHE A 561 11.83 13.69 6.86
N SER A 562 11.88 13.36 8.15
CA SER A 562 11.83 11.97 8.60
C SER A 562 10.59 11.68 9.44
N TYR A 563 10.34 12.45 10.48
CA TYR A 563 9.16 12.27 11.32
C TYR A 563 8.95 13.52 12.16
N SER A 564 7.69 13.79 12.47
CA SER A 564 7.33 14.96 13.27
C SER A 564 5.97 14.72 13.90
N HIS A 565 5.87 14.98 15.21
CA HIS A 565 4.61 14.81 15.92
C HIS A 565 4.59 15.73 17.13
N LEU A 566 3.43 16.32 17.40
CA LEU A 566 3.24 17.19 18.55
C LEU A 566 2.68 16.35 19.70
N VAL A 567 3.36 16.36 20.84
CA VAL A 567 2.98 15.53 21.97
C VAL A 567 2.95 16.38 23.23
N CYS A 568 2.18 15.92 24.21
CA CYS A 568 2.11 16.55 25.52
C CYS A 568 2.11 15.46 26.58
N ARG A 569 2.84 15.70 27.67
CA ARG A 569 3.00 14.72 28.74
C ARG A 569 2.23 15.17 29.97
N THR A 570 1.43 14.26 30.53
CA THR A 570 0.64 14.51 31.72
C THR A 570 1.18 13.68 32.87
N ALA A 571 1.44 14.33 34.00
CA ALA A 571 1.96 13.67 35.18
C ALA A 571 0.81 13.31 36.10
N ILE A 572 0.46 12.01 36.15
CA ILE A 572 -0.58 11.53 37.04
C ILE A 572 0.01 11.35 38.44
N GLU A 573 -0.65 11.94 39.43
CA GLU A 573 -0.12 12.02 40.79
C GLU A 573 -0.52 10.82 41.66
N GLU A 574 -0.85 9.69 41.05
CA GLU A 574 -1.24 8.50 41.81
C GLU A 574 -0.25 7.35 41.67
N VAL A 575 0.68 7.42 40.74
CA VAL A 575 1.69 6.38 40.55
C VAL A 575 3.08 6.88 40.96
N GLN A 576 3.16 8.13 41.40
CA GLN A 576 4.43 8.75 41.73
C GLN A 576 5.05 8.22 43.03
N ALA A 577 4.32 7.41 43.77
CA ALA A 577 4.85 6.85 45.02
C ALA A 577 5.90 5.79 44.71
N GLU A 578 7.08 5.95 45.31
CA GLU A 578 8.21 5.04 45.12
C GLU A 578 8.58 4.91 43.64
N ARG A 579 8.48 6.02 42.91
CA ARG A 579 8.83 6.04 41.49
C ARG A 579 10.26 6.56 41.32
N LYS A 580 11.19 5.79 41.88
CA LYS A 580 12.61 6.14 41.79
C LYS A 580 13.19 5.87 40.41
N ASP A 581 12.55 5.02 39.61
CA ASP A 581 13.06 4.72 38.28
C ASP A 581 12.95 5.93 37.36
N ASP A 582 13.95 6.07 36.49
CA ASP A 582 13.97 7.18 35.55
C ASP A 582 12.82 7.06 34.54
N SER A 583 12.27 8.21 34.15
CA SER A 583 11.16 8.22 33.21
C SER A 583 11.56 7.68 31.85
N HIS A 584 12.72 8.10 31.34
CA HIS A 584 13.20 7.65 30.03
C HIS A 584 14.69 7.35 30.15
N PRO A 585 15.12 6.14 29.80
CA PRO A 585 16.55 5.82 29.85
C PRO A 585 17.33 6.63 28.83
N VAL A 586 18.58 6.93 29.17
CA VAL A 586 19.46 7.66 28.26
C VAL A 586 19.78 6.78 27.07
N HIS A 587 19.62 7.33 25.86
CA HIS A 587 19.77 6.56 24.64
C HIS A 587 20.19 7.49 23.50
N VAL A 588 20.42 6.89 22.34
CA VAL A 588 20.71 7.62 21.11
C VAL A 588 19.69 7.20 20.06
N ASP A 589 19.51 8.06 19.06
CA ASP A 589 18.42 7.87 18.11
C ASP A 589 18.77 6.94 16.96
N ASN A 590 19.93 7.12 16.33
CA ASN A 590 20.26 6.33 15.15
C ASN A 590 20.46 4.85 15.48
N CYS A 591 21.21 4.57 16.54
CA CYS A 591 21.54 3.19 16.91
C CYS A 591 20.98 2.87 18.30
N ILE A 592 21.30 1.67 18.78
CA ILE A 592 20.87 1.21 20.10
C ILE A 592 22.08 1.29 21.03
N LEU A 593 21.86 1.77 22.25
CA LEU A 593 22.95 2.02 23.17
C LEU A 593 22.97 0.95 24.26
N ASN A 594 24.14 0.37 24.48
CA ASN A 594 24.37 -0.59 25.56
C ASN A 594 25.09 0.10 26.71
N ALA A 595 24.60 -0.15 27.92
CA ALA A 595 25.05 0.59 29.09
C ALA A 595 26.49 0.27 29.46
N GLU A 596 26.78 -0.99 29.80
CA GLU A 596 28.13 -1.33 30.22
C GLU A 596 28.98 -1.81 29.04
N THR A 597 28.35 -2.36 28.00
CA THR A 597 29.12 -2.82 26.85
C THR A 597 29.74 -1.66 26.07
N LEU A 598 29.12 -0.48 26.14
CA LEU A 598 29.64 0.73 25.50
C LEU A 598 29.84 0.53 24.00
N VAL A 599 28.80 0.04 23.34
CA VAL A 599 28.85 -0.21 21.91
C VAL A 599 27.64 0.41 21.23
N CYS A 600 27.74 0.63 19.91
CA CYS A 600 26.65 1.18 19.14
C CYS A 600 26.58 0.48 17.78
N VAL A 601 25.45 -0.15 17.48
CA VAL A 601 25.27 -0.92 16.25
C VAL A 601 24.04 -0.40 15.52
N LYS A 602 24.20 -0.19 14.20
CA LYS A 602 23.12 0.31 13.35
C LYS A 602 22.35 -0.88 12.79
N GLU A 603 21.28 -1.24 13.47
CA GLU A 603 20.47 -2.41 13.14
C GLU A 603 19.02 -2.00 12.90
N PRO A 604 18.28 -2.81 12.14
CA PRO A 604 16.88 -2.47 11.79
C PRO A 604 16.01 -2.20 13.01
N PRO A 605 16.26 -2.87 14.18
CA PRO A 605 15.50 -2.48 15.39
C PRO A 605 15.45 -0.99 15.65
N ALA A 606 16.44 -0.25 15.19
CA ALA A 606 16.45 1.21 15.27
C ALA A 606 16.53 1.80 13.88
N TYR A 607 16.13 3.06 13.76
CA TYR A 607 16.22 3.78 12.50
C TYR A 607 17.62 4.35 12.32
N THR A 608 18.34 3.84 11.32
CA THR A 608 19.72 4.22 11.09
C THR A 608 19.88 5.38 10.12
N PHE A 609 18.79 5.89 9.55
CA PHE A 609 18.89 6.99 8.61
C PHE A 609 18.75 8.36 9.25
N ARG A 610 18.28 8.42 10.50
CA ARG A 610 18.14 9.71 11.17
C ARG A 610 19.50 10.34 11.41
N ASP A 611 19.61 11.63 11.13
CA ASP A 611 20.86 12.36 11.28
C ASP A 611 20.76 13.52 12.26
N TYR A 612 19.75 14.37 12.13
CA TYR A 612 19.61 15.54 12.97
C TYR A 612 18.25 15.54 13.66
N SER A 613 18.26 15.91 14.94
CA SER A 613 17.04 15.98 15.73
C SER A 613 16.95 17.34 16.40
N ALA A 614 15.76 17.91 16.40
CA ALA A 614 15.53 19.21 17.02
C ALA A 614 14.24 19.14 17.82
N ILE A 615 14.27 19.74 19.02
CA ILE A 615 13.13 19.74 19.92
C ILE A 615 12.75 21.19 20.19
N LEU A 616 11.47 21.51 20.04
CA LEU A 616 10.95 22.84 20.26
C LEU A 616 9.98 22.82 21.43
N TYR A 617 10.18 23.74 22.38
CA TYR A 617 9.39 23.78 23.60
C TYR A 617 8.30 24.82 23.49
N LEU A 618 7.23 24.63 24.26
CA LEU A 618 6.05 25.50 24.18
C LEU A 618 5.62 26.07 25.53
N ASN A 619 5.91 25.39 26.64
CA ASN A 619 5.43 25.84 27.94
C ASN A 619 6.50 25.58 28.99
N GLY A 620 6.37 26.28 30.12
CA GLY A 620 7.29 26.13 31.21
C GLY A 620 6.62 26.13 32.57
N ASP A 621 5.31 25.92 32.58
CA ASP A 621 4.53 25.93 33.83
C ASP A 621 4.44 24.51 34.38
N PHE A 622 5.62 23.97 34.69
CA PHE A 622 5.74 22.64 35.27
C PHE A 622 7.11 22.51 35.91
N ASP A 623 7.24 21.52 36.79
CA ASP A 623 8.47 21.31 37.56
C ASP A 623 9.16 20.05 37.05
N GLY A 624 10.46 20.16 36.80
CA GLY A 624 11.24 19.04 36.33
C GLY A 624 11.27 18.93 34.83
N GLY A 625 11.50 17.72 34.31
CA GLY A 625 11.53 17.51 32.88
C GLY A 625 12.66 18.22 32.16
N ASN A 626 13.73 18.56 32.87
CA ASN A 626 14.86 19.23 32.23
C ASN A 626 15.55 18.29 31.25
N PHE A 627 15.94 18.83 30.11
CA PHE A 627 16.62 18.06 29.07
C PHE A 627 18.11 18.05 29.34
N TYR A 628 18.68 16.87 29.51
CA TYR A 628 20.07 16.72 29.91
C TYR A 628 20.81 15.81 28.92
N PHE A 629 22.10 16.10 28.75
CA PHE A 629 22.99 15.29 27.93
C PHE A 629 23.91 14.47 28.82
N THR A 630 24.09 13.21 28.45
CA THR A 630 24.88 12.26 29.23
C THR A 630 25.91 11.60 28.32
N GLU A 631 27.02 11.18 28.91
CA GLU A 631 28.07 10.50 28.16
C GLU A 631 27.64 9.08 27.80
N LEU A 632 28.52 8.38 27.08
CA LEU A 632 28.19 7.04 26.62
C LEU A 632 27.99 6.07 27.79
N ASP A 633 28.53 6.39 28.96
CA ASP A 633 28.29 5.56 30.14
C ASP A 633 26.86 5.66 30.65
N ALA A 634 26.07 6.62 30.15
CA ALA A 634 24.70 6.84 30.56
C ALA A 634 24.56 7.16 32.05
N LYS A 635 25.65 7.55 32.69
CA LYS A 635 25.65 7.91 34.10
C LYS A 635 26.10 9.33 34.35
N THR A 636 27.20 9.75 33.74
CA THR A 636 27.77 11.08 33.99
C THR A 636 27.01 12.12 33.19
N VAL A 637 26.22 12.94 33.87
CA VAL A 637 25.45 13.99 33.22
C VAL A 637 26.40 15.11 32.81
N THR A 638 26.33 15.50 31.53
CA THR A 638 27.21 16.53 30.99
C THR A 638 26.66 17.94 31.15
N ALA A 639 25.47 18.20 30.62
CA ALA A 639 24.87 19.52 30.71
C ALA A 639 23.35 19.39 30.68
N GLU A 640 22.66 20.41 31.19
CA GLU A 640 21.22 20.42 31.26
C GLU A 640 20.70 21.78 30.80
N VAL A 641 19.45 21.79 30.32
CA VAL A 641 18.80 23.01 29.87
C VAL A 641 17.49 23.18 30.62
N GLN A 642 17.01 24.42 30.66
CA GLN A 642 15.81 24.78 31.40
C GLN A 642 14.66 24.97 30.43
N PRO A 643 13.56 24.23 30.58
CA PRO A 643 12.40 24.46 29.71
C PRO A 643 11.86 25.87 29.85
N GLN A 644 11.46 26.44 28.72
CA GLN A 644 10.87 27.78 28.67
C GLN A 644 9.89 27.82 27.52
N CYS A 645 9.47 29.02 27.13
CA CYS A 645 8.58 29.21 26.00
C CYS A 645 9.39 29.76 24.83
N GLY A 646 9.36 29.04 23.70
CA GLY A 646 10.07 29.46 22.51
C GLY A 646 11.49 28.95 22.38
N ARG A 647 11.99 28.21 23.38
CA ARG A 647 13.33 27.65 23.30
C ARG A 647 13.34 26.40 22.44
N ALA A 648 14.36 26.25 21.62
CA ALA A 648 14.53 25.10 20.74
C ALA A 648 15.94 24.56 20.90
N VAL A 649 16.06 23.23 20.98
CA VAL A 649 17.33 22.56 21.16
C VAL A 649 17.66 21.83 19.86
N GLY A 650 18.86 22.07 19.34
CA GLY A 650 19.31 21.44 18.10
C GLY A 650 20.60 20.66 18.34
N PHE A 651 20.57 19.38 18.00
CA PHE A 651 21.74 18.53 18.14
C PHE A 651 21.68 17.44 17.08
N SER A 652 22.86 16.97 16.68
CA SER A 652 22.95 15.84 15.77
C SER A 652 22.55 14.56 16.48
N SER A 653 21.89 13.65 15.74
CA SER A 653 21.42 12.40 16.29
C SER A 653 22.50 11.33 16.33
N GLY A 654 23.76 11.71 16.25
CA GLY A 654 24.85 10.76 16.23
C GLY A 654 25.10 10.13 17.59
N THR A 655 26.04 9.17 17.59
CA THR A 655 26.39 8.46 18.80
C THR A 655 27.09 9.35 19.84
N GLU A 656 27.51 10.55 19.45
CA GLU A 656 28.18 11.46 20.37
C GLU A 656 27.22 12.33 21.17
N ASN A 657 25.91 12.16 20.99
CA ASN A 657 24.92 12.99 21.67
C ASN A 657 23.86 12.10 22.32
N PRO A 658 24.21 11.36 23.38
CA PRO A 658 23.19 10.64 24.14
C PRO A 658 22.35 11.61 24.96
N HIS A 659 21.03 11.44 24.89
CA HIS A 659 20.10 12.34 25.55
C HIS A 659 19.19 11.56 26.49
N GLY A 660 18.68 12.27 27.49
CA GLY A 660 17.75 11.69 28.43
C GLY A 660 16.80 12.74 28.95
N VAL A 661 15.59 12.31 29.30
CA VAL A 661 14.54 13.19 29.81
C VAL A 661 14.16 12.73 31.21
N LYS A 662 14.16 13.66 32.16
CA LYS A 662 13.78 13.35 33.53
C LYS A 662 12.26 13.29 33.66
N ALA A 663 11.77 13.17 34.89
CA ALA A 663 10.34 13.07 35.16
C ALA A 663 9.81 14.41 35.65
N VAL A 664 8.59 14.73 35.23
CA VAL A 664 7.94 15.97 35.59
C VAL A 664 7.17 15.77 36.89
N THR A 665 7.34 16.70 37.83
CA THR A 665 6.66 16.61 39.12
C THR A 665 5.17 16.84 38.97
N ARG A 666 4.79 18.00 38.44
CA ARG A 666 3.39 18.34 38.20
C ARG A 666 3.31 19.39 37.11
N GLY A 667 2.21 19.36 36.36
CA GLY A 667 1.96 20.29 35.29
C GLY A 667 1.88 19.61 33.95
N GLN A 668 1.85 20.42 32.90
CA GLN A 668 1.79 19.95 31.53
C GLN A 668 3.06 20.33 30.77
N ARG A 669 3.59 19.37 30.02
CA ARG A 669 4.76 19.56 29.18
C ARG A 669 4.39 19.18 27.76
N CYS A 670 4.30 20.18 26.88
CA CYS A 670 3.97 19.97 25.48
C CYS A 670 5.09 20.51 24.61
N ALA A 671 5.53 19.70 23.65
CA ALA A 671 6.66 20.06 22.81
C ALA A 671 6.54 19.31 21.49
N ILE A 672 7.40 19.70 20.54
CA ILE A 672 7.40 19.15 19.19
C ILE A 672 8.68 18.35 19.00
N ALA A 673 8.55 17.13 18.48
CA ALA A 673 9.69 16.27 18.19
C ALA A 673 9.93 16.23 16.69
N LEU A 674 11.19 16.42 16.29
CA LEU A 674 11.56 16.52 14.89
C LEU A 674 12.78 15.65 14.60
N TRP A 675 12.81 15.05 13.41
CA TRP A 675 13.96 14.30 12.93
C TRP A 675 14.13 14.54 11.44
N PHE A 676 15.37 14.69 11.01
CA PHE A 676 15.69 14.92 9.60
C PHE A 676 16.69 13.88 9.12
N THR A 677 16.62 13.56 7.83
CA THR A 677 17.51 12.60 7.20
C THR A 677 18.16 13.24 5.99
N LEU A 678 19.41 12.84 5.73
CA LEU A 678 20.15 13.29 4.56
C LEU A 678 19.99 12.37 3.37
N ASP A 679 19.25 11.28 3.52
CA ASP A 679 19.01 10.34 2.43
C ASP A 679 17.63 10.58 1.84
N PRO A 680 17.53 11.00 0.58
CA PRO A 680 16.20 11.22 -0.01
C PRO A 680 15.35 9.97 -0.09
N ARG A 681 15.98 8.78 -0.07
CA ARG A 681 15.21 7.54 -0.15
C ARG A 681 14.30 7.38 1.06
N HIS A 682 14.84 7.62 2.26
CA HIS A 682 14.05 7.56 3.49
C HIS A 682 13.49 8.95 3.75
N SER A 683 12.47 9.32 2.98
CA SER A 683 11.75 10.56 3.17
C SER A 683 10.35 10.24 3.66
N GLU A 684 9.90 10.98 4.67
CA GLU A 684 8.59 10.76 5.27
C GLU A 684 7.53 11.00 4.20
N ARG A 685 6.85 9.92 3.80
CA ARG A 685 6.03 9.91 2.59
C ARG A 685 4.74 10.69 2.72
N ASP A 686 4.28 10.96 3.94
CA ASP A 686 2.99 11.58 4.17
C ASP A 686 3.02 13.10 3.98
N ARG A 687 4.20 13.68 3.73
CA ARG A 687 4.30 15.12 3.53
C ARG A 687 3.68 15.57 2.21
N VAL A 688 3.70 14.71 1.19
CA VAL A 688 3.14 15.08 -0.11
C VAL A 688 1.65 15.36 0.01
N GLN A 689 0.92 14.51 0.73
CA GLN A 689 -0.50 14.74 0.93
C GLN A 689 -0.75 16.01 1.73
N ALA A 690 0.12 16.30 2.70
CA ALA A 690 0.00 17.55 3.46
C ALA A 690 0.18 18.76 2.54
N ASP A 691 1.16 18.71 1.64
CA ASP A 691 1.38 19.80 0.70
C ASP A 691 0.17 19.95 -0.21
N ASP A 692 -0.36 18.83 -0.71
CA ASP A 692 -1.53 18.87 -1.57
C ASP A 692 -2.73 19.49 -0.85
N LEU A 693 -2.95 19.10 0.40
CA LEU A 693 -4.04 19.69 1.18
C LEU A 693 -3.83 21.17 1.41
N VAL A 694 -2.60 21.58 1.72
CA VAL A 694 -2.32 22.98 2.01
C VAL A 694 -2.57 23.84 0.77
N LYS A 695 -2.07 23.41 -0.38
CA LYS A 695 -2.24 24.20 -1.60
C LYS A 695 -3.70 24.20 -2.06
N MET A 696 -4.47 23.19 -1.66
CA MET A 696 -5.85 23.07 -2.12
C MET A 696 -6.85 23.72 -1.17
N LEU A 697 -6.50 23.88 0.10
CA LEU A 697 -7.47 24.41 1.06
C LEU A 697 -7.38 25.93 1.18
N PHE A 698 -6.17 26.49 1.16
CA PHE A 698 -5.98 27.90 1.43
C PHE A 698 -5.87 28.75 0.17
N SER A 699 -5.19 28.24 -0.85
CA SER A 699 -5.02 29.02 -2.11
C SER A 699 -5.35 28.13 -3.32
N PRO A 700 -6.62 27.78 -3.59
CA PRO A 700 -6.94 26.84 -4.67
C PRO A 700 -7.34 27.47 -6.01
N GLU A 701 -7.74 26.62 -6.96
CA GLU A 701 -8.22 27.11 -8.27
C GLU A 701 -9.47 26.30 -8.64
N GLU A 702 -10.24 26.76 -9.62
CA GLU A 702 -11.51 26.06 -9.97
C GLU A 702 -11.67 26.03 -11.49
N MET A 703 -12.55 25.17 -12.00
CA MET A 703 -12.82 25.13 -13.46
C MET A 703 -14.05 26.00 -13.74
N ASP A 704 -14.47 26.09 -15.00
CA ASP A 704 -15.69 26.87 -15.34
C ASP A 704 -16.89 26.20 -14.66
N LEU A 705 -17.02 24.89 -14.80
CA LEU A 705 -18.16 24.15 -14.19
C LEU A 705 -17.65 22.79 -13.69
N GLN B 27 -37.16 19.37 -2.98
CA GLN B 27 -35.82 19.22 -2.46
C GLN B 27 -34.79 19.26 -3.58
N TYR B 28 -35.25 19.05 -4.81
CA TYR B 28 -34.39 19.06 -5.98
C TYR B 28 -34.70 20.20 -6.94
N GLU B 29 -35.63 21.09 -6.59
CA GLU B 29 -36.05 22.12 -7.52
C GLU B 29 -34.97 23.18 -7.71
N ARG B 30 -34.40 23.68 -6.62
CA ARG B 30 -33.40 24.74 -6.69
C ARG B 30 -31.98 24.15 -6.72
N TYR B 31 -31.78 23.22 -7.64
CA TYR B 31 -30.50 22.53 -7.79
C TYR B 31 -29.86 22.92 -9.11
N SER B 32 -28.60 23.32 -9.04
CA SER B 32 -27.82 23.66 -10.23
C SER B 32 -26.39 23.17 -10.02
N PHE B 33 -25.94 22.25 -10.88
CA PHE B 33 -24.61 21.69 -10.72
C PHE B 33 -23.52 22.75 -10.89
N ARG B 34 -23.69 23.63 -11.87
CA ARG B 34 -22.69 24.68 -12.10
C ARG B 34 -22.77 25.76 -11.03
N SER B 35 -23.92 26.43 -10.94
CA SER B 35 -24.11 27.52 -9.98
C SER B 35 -24.71 26.94 -8.71
N PHE B 36 -23.85 26.53 -7.78
CA PHE B 36 -24.27 25.98 -6.51
C PHE B 36 -24.08 27.00 -5.40
N PRO B 37 -25.06 27.20 -4.53
CA PRO B 37 -24.90 28.15 -3.42
C PRO B 37 -23.80 27.69 -2.48
N ARG B 38 -22.91 28.61 -2.13
CA ARG B 38 -21.76 28.31 -1.29
C ARG B 38 -22.09 28.33 0.20
N ASP B 39 -23.30 28.74 0.56
CA ASP B 39 -23.67 28.79 1.98
C ASP B 39 -23.85 27.40 2.58
N GLU B 40 -24.29 26.43 1.78
CA GLU B 40 -24.56 25.08 2.26
C GLU B 40 -23.42 24.11 1.99
N LEU B 41 -22.26 24.61 1.55
CA LEU B 41 -21.12 23.75 1.23
C LEU B 41 -20.49 23.28 2.53
N MET B 42 -21.02 22.20 3.08
CA MET B 42 -20.53 21.58 4.30
C MET B 42 -20.38 20.09 4.08
N PRO B 43 -19.53 19.43 4.89
CA PRO B 43 -19.36 17.98 4.73
C PRO B 43 -20.67 17.23 4.93
N LEU B 44 -20.82 16.15 4.15
CA LEU B 44 -22.06 15.38 4.17
C LEU B 44 -22.29 14.74 5.54
N GLU B 45 -21.24 14.18 6.14
CA GLU B 45 -21.40 13.46 7.39
C GLU B 45 -21.86 14.39 8.52
N SER B 46 -21.31 15.61 8.58
CA SER B 46 -21.72 16.55 9.61
C SER B 46 -23.19 16.94 9.44
N ALA B 47 -23.62 17.20 8.20
CA ALA B 47 -25.01 17.54 7.96
C ALA B 47 -25.94 16.37 8.33
N TYR B 48 -25.55 15.15 7.98
CA TYR B 48 -26.36 13.99 8.33
C TYR B 48 -26.45 13.82 9.84
N ARG B 49 -25.35 14.00 10.55
CA ARG B 49 -25.37 13.89 12.00
C ARG B 49 -26.25 14.96 12.63
N HIS B 50 -26.15 16.20 12.14
CA HIS B 50 -27.01 17.25 12.65
C HIS B 50 -28.48 16.95 12.39
N ALA B 51 -28.80 16.43 11.20
CA ALA B 51 -30.17 16.07 10.89
C ALA B 51 -30.68 14.98 11.82
N LEU B 52 -29.87 13.95 12.06
CA LEU B 52 -30.27 12.88 12.96
C LEU B 52 -30.47 13.40 14.38
N ASP B 53 -29.57 14.26 14.84
CA ASP B 53 -29.72 14.83 16.18
C ASP B 53 -30.98 15.67 16.30
N LYS B 54 -31.27 16.48 15.29
CA LYS B 54 -32.48 17.29 15.32
C LYS B 54 -33.73 16.42 15.29
N TYR B 55 -33.72 15.36 14.49
CA TYR B 55 -34.86 14.43 14.48
C TYR B 55 -35.04 13.78 15.83
N SER B 56 -33.94 13.35 16.46
CA SER B 56 -34.03 12.81 17.82
C SER B 56 -34.46 13.85 18.83
N GLY B 57 -34.27 15.13 18.53
CA GLY B 57 -34.68 16.23 19.38
C GLY B 57 -36.09 16.71 19.15
N GLU B 58 -36.89 15.99 18.37
CA GLU B 58 -38.28 16.33 18.09
C GLU B 58 -38.40 17.69 17.41
N HIS B 59 -37.40 18.06 16.61
CA HIS B 59 -37.43 19.26 15.80
C HIS B 59 -37.58 18.86 14.33
N TRP B 60 -38.57 19.45 13.66
CA TRP B 60 -38.99 18.99 12.34
C TRP B 60 -38.47 19.84 11.20
N ALA B 61 -38.70 21.15 11.24
CA ALA B 61 -38.31 22.01 10.12
C ALA B 61 -36.80 21.98 9.91
N GLU B 62 -36.03 22.08 10.99
CA GLU B 62 -34.58 22.02 10.88
C GLU B 62 -34.12 20.68 10.34
N SER B 63 -34.75 19.60 10.79
CA SER B 63 -34.42 18.28 10.28
C SER B 63 -34.72 18.17 8.78
N VAL B 64 -35.87 18.71 8.35
CA VAL B 64 -36.23 18.67 6.94
C VAL B 64 -35.18 19.43 6.11
N GLY B 65 -34.82 20.63 6.56
CA GLY B 65 -33.82 21.39 5.83
C GLY B 65 -32.48 20.68 5.76
N TYR B 66 -32.04 20.11 6.89
CA TYR B 66 -30.76 19.41 6.91
C TYR B 66 -30.77 18.19 5.99
N LEU B 67 -31.88 17.43 5.99
CA LEU B 67 -31.97 16.27 5.12
C LEU B 67 -31.97 16.68 3.64
N GLU B 68 -32.67 17.76 3.32
CA GLU B 68 -32.64 18.25 1.94
C GLU B 68 -31.24 18.67 1.54
N ILE B 69 -30.52 19.33 2.45
CA ILE B 69 -29.13 19.70 2.18
C ILE B 69 -28.28 18.46 1.94
N SER B 70 -28.49 17.43 2.75
CA SER B 70 -27.73 16.19 2.57
C SER B 70 -27.99 15.56 1.22
N LEU B 71 -29.26 15.48 0.82
CA LEU B 71 -29.60 14.92 -0.49
C LEU B 71 -28.98 15.74 -1.62
N ARG B 72 -29.04 17.06 -1.51
CA ARG B 72 -28.45 17.92 -2.54
C ARG B 72 -26.94 17.72 -2.61
N LEU B 73 -26.28 17.57 -1.46
CA LEU B 73 -24.84 17.32 -1.46
C LEU B 73 -24.51 15.99 -2.11
N HIS B 74 -25.31 14.95 -1.83
CA HIS B 74 -25.07 13.66 -2.45
C HIS B 74 -25.21 13.73 -3.97
N ARG B 75 -26.27 14.40 -4.44
CA ARG B 75 -26.47 14.54 -5.88
C ARG B 75 -25.34 15.35 -6.51
N LEU B 76 -24.88 16.40 -5.81
CA LEU B 76 -23.75 17.18 -6.31
C LEU B 76 -22.49 16.34 -6.42
N LEU B 77 -22.25 15.48 -5.43
CA LEU B 77 -21.09 14.59 -5.50
C LEU B 77 -21.20 13.65 -6.69
N ARG B 78 -22.38 13.08 -6.92
CA ARG B 78 -22.56 12.20 -8.07
C ARG B 78 -22.32 12.94 -9.38
N ASP B 79 -22.86 14.15 -9.50
CA ASP B 79 -22.68 14.92 -10.73
C ASP B 79 -21.21 15.30 -10.93
N SER B 80 -20.51 15.64 -9.85
CA SER B 80 -19.10 15.97 -9.95
C SER B 80 -18.30 14.75 -10.42
N GLU B 81 -18.61 13.57 -9.89
CA GLU B 81 -17.95 12.36 -10.36
C GLU B 81 -18.22 12.13 -11.85
N ALA B 82 -19.48 12.30 -12.26
CA ALA B 82 -19.81 12.12 -13.67
C ALA B 82 -19.04 13.09 -14.56
N PHE B 83 -18.96 14.35 -14.16
CA PHE B 83 -18.22 15.32 -14.96
C PHE B 83 -16.73 15.00 -14.99
N CYS B 84 -16.16 14.59 -13.86
CA CYS B 84 -14.74 14.29 -13.82
C CYS B 84 -14.40 13.10 -14.71
N HIS B 85 -15.28 12.10 -14.76
CA HIS B 85 -15.05 10.95 -15.63
C HIS B 85 -15.53 11.17 -17.06
N ARG B 86 -16.22 12.29 -17.35
CA ARG B 86 -16.58 12.59 -18.73
C ARG B 86 -15.34 12.69 -19.61
N ASN B 87 -14.39 13.53 -19.22
CA ASN B 87 -13.08 13.57 -19.86
C ASN B 87 -12.14 12.60 -19.16
N CYS B 88 -10.84 12.75 -19.41
CA CYS B 88 -9.80 11.91 -18.81
C CYS B 88 -9.92 10.47 -19.31
N SER B 89 -10.99 9.78 -18.92
CA SER B 89 -11.21 8.43 -19.43
C SER B 89 -11.40 8.44 -20.94
N ALA B 90 -12.14 9.42 -21.45
CA ALA B 90 -12.39 9.54 -22.90
C ALA B 90 -11.29 10.37 -23.56
N ALA B 91 -10.08 9.82 -23.51
CA ALA B 91 -8.91 10.45 -24.10
C ALA B 91 -8.41 9.66 -25.30
N PRO B 92 -7.81 10.32 -26.29
CA PRO B 92 -7.31 9.59 -27.46
C PRO B 92 -5.95 8.97 -27.23
N GLN B 93 -4.93 9.47 -27.92
CA GLN B 93 -3.57 8.95 -27.80
C GLN B 93 -2.64 10.09 -27.45
N PRO B 94 -1.96 10.04 -26.29
CA PRO B 94 -1.09 11.16 -25.90
C PRO B 94 0.28 11.14 -26.58
N GLU B 95 0.30 11.02 -27.90
CA GLU B 95 1.50 11.16 -28.71
C GLU B 95 2.59 10.18 -28.29
N PRO B 96 2.44 8.89 -28.60
CA PRO B 96 3.50 7.92 -28.27
C PRO B 96 4.73 8.11 -29.14
N ALA B 97 5.74 7.28 -28.94
CA ALA B 97 7.00 7.42 -29.67
C ALA B 97 7.14 6.25 -30.64
N ALA B 98 8.23 6.24 -31.40
CA ALA B 98 8.48 5.20 -32.38
C ALA B 98 9.37 4.07 -31.87
N GLY B 99 9.85 4.17 -30.63
CA GLY B 99 10.64 3.10 -30.04
C GLY B 99 9.91 2.43 -28.90
N LEU B 100 8.91 3.12 -28.37
CA LEU B 100 8.12 2.58 -27.26
C LEU B 100 7.26 1.39 -27.69
N ALA B 101 7.02 1.23 -29.00
CA ALA B 101 6.12 0.21 -29.49
C ALA B 101 6.65 -1.21 -29.32
N SER B 102 7.93 -1.38 -28.98
CA SER B 102 8.52 -2.70 -28.84
C SER B 102 8.25 -3.35 -27.48
N TYR B 103 7.74 -2.59 -26.50
CA TYR B 103 7.53 -3.06 -25.14
C TYR B 103 6.10 -2.74 -24.73
N PRO B 104 5.17 -3.65 -24.94
CA PRO B 104 3.75 -3.33 -24.69
C PRO B 104 3.44 -2.93 -23.26
N GLU B 105 4.10 -3.55 -22.28
CA GLU B 105 3.81 -3.26 -20.88
C GLU B 105 4.07 -1.79 -20.56
N LEU B 106 5.19 -1.25 -21.05
CA LEU B 106 5.52 0.14 -20.80
C LEU B 106 4.47 1.07 -21.39
N ARG B 107 4.01 0.79 -22.62
CA ARG B 107 3.00 1.62 -23.24
C ARG B 107 1.70 1.60 -22.43
N LEU B 108 1.25 0.41 -22.05
CA LEU B 108 -0.01 0.30 -21.32
C LEU B 108 0.06 1.04 -19.99
N PHE B 109 1.15 0.83 -19.24
CA PHE B 109 1.23 1.47 -17.94
C PHE B 109 1.50 2.97 -18.04
N GLY B 110 2.17 3.43 -19.10
CA GLY B 110 2.30 4.86 -19.32
C GLY B 110 0.98 5.52 -19.62
N GLY B 111 0.15 4.87 -20.45
CA GLY B 111 -1.19 5.38 -20.67
C GLY B 111 -2.01 5.43 -19.40
N LEU B 112 -1.92 4.38 -18.59
CA LEU B 112 -2.64 4.36 -17.31
C LEU B 112 -2.15 5.48 -16.40
N LEU B 113 -0.83 5.72 -16.36
CA LEU B 113 -0.29 6.80 -15.54
C LEU B 113 -0.76 8.16 -16.02
N ARG B 114 -0.79 8.37 -17.33
CA ARG B 114 -1.32 9.62 -17.86
C ARG B 114 -2.77 9.83 -17.47
N ARG B 115 -3.59 8.78 -17.59
CA ARG B 115 -4.99 8.90 -17.21
C ARG B 115 -5.13 9.21 -15.72
N ALA B 116 -4.34 8.54 -14.88
CA ALA B 116 -4.41 8.78 -13.45
C ALA B 116 -4.01 10.21 -13.10
N HIS B 117 -2.94 10.72 -13.73
CA HIS B 117 -2.52 12.08 -13.47
C HIS B 117 -3.59 13.08 -13.91
N CYS B 118 -4.20 12.84 -15.08
CA CYS B 118 -5.26 13.73 -15.54
C CYS B 118 -6.45 13.72 -14.58
N LEU B 119 -6.84 12.54 -14.10
CA LEU B 119 -7.92 12.46 -13.13
C LEU B 119 -7.58 13.19 -11.84
N LYS B 120 -6.36 13.02 -11.34
CA LYS B 120 -5.96 13.71 -10.12
C LYS B 120 -5.99 15.22 -10.28
N ARG B 121 -5.50 15.73 -11.42
CA ARG B 121 -5.58 17.15 -11.68
C ARG B 121 -7.01 17.64 -11.85
N CYS B 122 -7.90 16.82 -12.39
CA CYS B 122 -9.27 17.23 -12.63
C CYS B 122 -10.09 17.27 -11.34
N LYS B 123 -9.82 16.35 -10.41
CA LYS B 123 -10.65 16.25 -9.21
C LYS B 123 -10.56 17.52 -8.36
N GLN B 124 -9.37 18.11 -8.24
CA GLN B 124 -9.18 19.24 -7.35
C GLN B 124 -9.98 20.46 -7.79
N GLY B 125 -10.33 20.54 -9.08
CA GLY B 125 -11.01 21.73 -9.58
C GLY B 125 -12.40 21.90 -9.01
N LEU B 126 -13.17 20.81 -8.93
CA LEU B 126 -14.58 20.93 -8.57
C LEU B 126 -14.73 21.32 -7.10
N PRO B 127 -15.68 22.21 -6.79
CA PRO B 127 -15.89 22.60 -5.38
C PRO B 127 -16.31 21.44 -4.49
N ALA B 128 -17.04 20.46 -5.03
CA ALA B 128 -17.58 19.39 -4.20
C ALA B 128 -16.51 18.51 -3.60
N PHE B 129 -15.32 18.48 -4.19
CA PHE B 129 -14.21 17.67 -3.69
C PHE B 129 -13.34 18.41 -2.68
N ARG B 130 -13.67 19.65 -2.36
CA ARG B 130 -12.88 20.46 -1.43
C ARG B 130 -13.32 20.29 0.01
N GLN B 131 -14.13 19.27 0.31
CA GLN B 131 -14.57 18.98 1.67
C GLN B 131 -14.13 17.56 2.04
N SER B 132 -14.49 17.16 3.26
CA SER B 132 -14.12 15.83 3.76
C SER B 132 -15.00 14.78 3.08
N GLN B 133 -14.36 13.79 2.48
CA GLN B 133 -15.11 12.74 1.79
C GLN B 133 -15.80 11.83 2.81
N PRO B 134 -17.03 11.42 2.55
CA PRO B 134 -17.72 10.53 3.48
C PRO B 134 -17.14 9.12 3.45
N SER B 135 -17.40 8.39 4.53
CA SER B 135 -16.94 7.01 4.61
C SER B 135 -17.78 6.12 3.68
N ARG B 136 -17.31 4.88 3.51
CA ARG B 136 -17.99 3.94 2.62
C ARG B 136 -19.38 3.60 3.11
N GLU B 137 -19.56 3.43 4.43
CA GLU B 137 -20.85 3.02 4.96
C GLU B 137 -21.91 4.09 4.74
N VAL B 138 -21.53 5.36 4.82
CA VAL B 138 -22.48 6.44 4.55
C VAL B 138 -22.96 6.39 3.11
N LEU B 139 -22.04 6.17 2.17
CA LEU B 139 -22.43 6.06 0.77
C LEU B 139 -23.31 4.84 0.54
N ALA B 140 -22.98 3.72 1.20
CA ALA B 140 -23.81 2.53 1.08
C ALA B 140 -25.22 2.78 1.59
N ASP B 141 -25.34 3.48 2.72
CA ASP B 141 -26.66 3.83 3.25
C ASP B 141 -27.42 4.73 2.29
N PHE B 142 -26.74 5.73 1.73
CA PHE B 142 -27.41 6.65 0.81
C PHE B 142 -27.85 5.95 -0.47
N GLN B 143 -27.08 4.96 -0.93
CA GLN B 143 -27.50 4.18 -2.09
C GLN B 143 -28.73 3.33 -1.81
N ARG B 144 -29.07 3.10 -0.54
CA ARG B 144 -30.25 2.34 -0.17
C ARG B 144 -31.46 3.21 0.11
N ARG B 145 -31.34 4.52 -0.10
CA ARG B 145 -32.47 5.45 0.01
C ARG B 145 -33.06 5.47 1.42
N GLU B 146 -32.22 5.21 2.42
CA GLU B 146 -32.69 5.11 3.79
C GLU B 146 -33.12 6.43 4.44
N PRO B 147 -32.51 7.59 4.14
CA PRO B 147 -32.96 8.82 4.83
C PRO B 147 -34.40 9.20 4.51
N TYR B 148 -34.97 8.66 3.44
CA TYR B 148 -36.34 8.99 3.07
C TYR B 148 -37.34 8.60 4.15
N LYS B 149 -37.05 7.57 4.95
CA LYS B 149 -37.96 7.20 6.02
C LYS B 149 -38.11 8.35 7.02
N PHE B 150 -36.99 8.85 7.53
CA PHE B 150 -37.04 9.96 8.47
C PHE B 150 -37.60 11.21 7.79
N LEU B 151 -37.25 11.41 6.52
CA LEU B 151 -37.68 12.61 5.81
C LEU B 151 -39.19 12.63 5.65
N GLN B 152 -39.79 11.48 5.31
CA GLN B 152 -41.24 11.42 5.17
C GLN B 152 -41.93 11.49 6.53
N PHE B 153 -41.32 10.90 7.56
CA PHE B 153 -41.88 11.05 8.90
C PHE B 153 -41.93 12.52 9.31
N ALA B 154 -40.86 13.25 9.02
CA ALA B 154 -40.83 14.68 9.30
C ALA B 154 -41.87 15.44 8.48
N TYR B 155 -42.01 15.10 7.20
CA TYR B 155 -43.01 15.76 6.37
C TYR B 155 -44.41 15.52 6.92
N PHE B 156 -44.70 14.29 7.35
CA PHE B 156 -46.01 14.00 7.93
C PHE B 156 -46.20 14.77 9.23
N LYS B 157 -45.15 14.90 10.03
CA LYS B 157 -45.18 15.72 11.24
C LYS B 157 -45.17 17.21 10.94
N ALA B 158 -45.25 17.61 9.68
CA ALA B 158 -45.20 19.04 9.33
C ALA B 158 -46.26 19.43 8.30
N ASN B 159 -47.35 18.66 8.19
CA ASN B 159 -48.45 18.96 7.28
C ASN B 159 -47.98 19.06 5.83
N ASN B 160 -47.34 17.98 5.37
CA ASN B 160 -46.82 17.89 4.02
C ASN B 160 -47.19 16.53 3.41
N LEU B 161 -48.47 16.18 3.49
CA LEU B 161 -49.00 14.90 3.06
C LEU B 161 -48.57 14.50 1.65
N PRO B 162 -48.66 15.38 0.65
CA PRO B 162 -48.16 15.00 -0.68
C PRO B 162 -46.68 14.65 -0.69
N LYS B 163 -45.86 15.46 -0.04
CA LYS B 163 -44.42 15.16 0.03
C LYS B 163 -44.17 13.86 0.76
N ALA B 164 -44.88 13.62 1.86
CA ALA B 164 -44.68 12.40 2.64
C ALA B 164 -45.05 11.17 1.84
N ILE B 165 -46.20 11.21 1.16
CA ILE B 165 -46.61 10.04 0.38
C ILE B 165 -45.68 9.85 -0.81
N ALA B 166 -45.18 10.94 -1.41
CA ALA B 166 -44.22 10.79 -2.49
C ALA B 166 -42.94 10.13 -2.02
N ALA B 167 -42.43 10.55 -0.85
CA ALA B 167 -41.23 9.93 -0.30
C ALA B 167 -41.46 8.46 0.03
N ALA B 168 -42.62 8.13 0.59
CA ALA B 168 -42.94 6.75 0.90
C ALA B 168 -42.97 5.90 -0.37
N HIS B 169 -43.61 6.42 -1.42
CA HIS B 169 -43.65 5.69 -2.69
C HIS B 169 -42.25 5.53 -3.28
N THR B 170 -41.43 6.58 -3.19
CA THR B 170 -40.07 6.50 -3.68
C THR B 170 -39.28 5.42 -2.96
N PHE B 171 -39.41 5.35 -1.63
CA PHE B 171 -38.70 4.31 -0.88
C PHE B 171 -39.23 2.93 -1.22
N LEU B 172 -40.56 2.78 -1.34
CA LEU B 172 -41.12 1.47 -1.66
C LEU B 172 -40.78 1.01 -3.07
N LEU B 173 -40.51 1.94 -3.99
CA LEU B 173 -40.12 1.54 -5.33
C LEU B 173 -38.80 0.76 -5.32
N LYS B 174 -37.82 1.24 -4.56
CA LYS B 174 -36.55 0.52 -4.45
C LYS B 174 -36.65 -0.69 -3.53
N HIS B 175 -37.47 -0.61 -2.49
CA HIS B 175 -37.64 -1.69 -1.52
C HIS B 175 -39.12 -2.03 -1.40
N PRO B 176 -39.62 -2.91 -2.26
CA PRO B 176 -41.03 -3.31 -2.21
C PRO B 176 -41.34 -4.43 -1.22
N ASP B 177 -40.46 -4.71 -0.26
CA ASP B 177 -40.63 -5.83 0.65
C ASP B 177 -40.67 -5.40 2.12
N ASP B 178 -41.02 -4.15 2.39
CA ASP B 178 -41.12 -3.65 3.76
C ASP B 178 -42.54 -3.81 4.28
N GLU B 179 -42.65 -3.90 5.61
CA GLU B 179 -43.95 -4.04 6.26
C GLU B 179 -44.42 -2.73 6.88
N MET B 180 -43.56 -2.09 7.67
CA MET B 180 -43.93 -0.83 8.31
C MET B 180 -44.21 0.24 7.26
N MET B 181 -43.35 0.34 6.24
CA MET B 181 -43.57 1.33 5.19
C MET B 181 -44.83 1.01 4.39
N LYS B 182 -45.10 -0.29 4.19
CA LYS B 182 -46.35 -0.67 3.54
C LYS B 182 -47.56 -0.23 4.36
N ARG B 183 -47.48 -0.38 5.69
CA ARG B 183 -48.56 0.06 6.55
C ARG B 183 -48.75 1.57 6.48
N ASN B 184 -47.65 2.31 6.49
CA ASN B 184 -47.75 3.77 6.38
C ASN B 184 -48.33 4.19 5.04
N MET B 185 -47.93 3.52 3.96
CA MET B 185 -48.50 3.82 2.65
C MET B 185 -49.99 3.52 2.61
N ALA B 186 -50.40 2.40 3.21
CA ALA B 186 -51.82 2.07 3.26
C ALA B 186 -52.60 3.12 4.05
N TYR B 187 -52.04 3.58 5.17
CA TYR B 187 -52.69 4.64 5.94
C TYR B 187 -52.79 5.93 5.14
N TYR B 188 -51.72 6.29 4.44
CA TYR B 188 -51.72 7.54 3.67
C TYR B 188 -52.71 7.47 2.52
N LYS B 189 -52.82 6.31 1.86
CA LYS B 189 -53.82 6.14 0.81
C LYS B 189 -55.23 6.24 1.37
N SER B 190 -55.45 5.80 2.60
CA SER B 190 -56.76 5.92 3.22
C SER B 190 -57.15 7.37 3.42
N LEU B 191 -56.18 8.26 3.60
CA LEU B 191 -56.48 9.67 3.76
C LEU B 191 -57.02 10.24 2.45
N PRO B 192 -58.16 10.92 2.46
CA PRO B 192 -58.72 11.45 1.22
C PRO B 192 -57.87 12.58 0.66
N GLY B 193 -57.95 12.77 -0.64
CA GLY B 193 -57.22 13.81 -1.34
C GLY B 193 -55.86 13.40 -1.87
N ALA B 194 -55.08 12.69 -1.05
CA ALA B 194 -53.74 12.26 -1.43
C ALA B 194 -53.83 10.94 -2.20
N GLU B 195 -54.28 11.05 -3.45
CA GLU B 195 -54.35 9.91 -4.35
C GLU B 195 -53.74 10.17 -5.72
N ASP B 196 -53.40 11.42 -6.04
CA ASP B 196 -52.82 11.76 -7.32
C ASP B 196 -51.39 12.27 -7.22
N TYR B 197 -50.86 12.48 -6.01
CA TYR B 197 -49.52 13.01 -5.81
C TYR B 197 -48.45 11.93 -5.77
N ILE B 198 -48.68 10.79 -6.44
CA ILE B 198 -47.72 9.69 -6.43
C ILE B 198 -46.63 10.00 -7.45
N LYS B 199 -45.55 10.64 -6.98
CA LYS B 199 -44.43 11.03 -7.82
C LYS B 199 -43.14 10.50 -7.23
N ASP B 200 -42.24 10.03 -8.10
CA ASP B 200 -40.95 9.53 -7.67
C ASP B 200 -40.00 10.72 -7.51
N LEU B 201 -39.48 10.91 -6.30
CA LEU B 201 -38.57 12.01 -6.03
C LEU B 201 -37.20 11.79 -6.65
N GLU B 202 -36.84 10.56 -6.99
CA GLU B 202 -35.60 10.25 -7.67
C GLU B 202 -35.96 9.66 -9.04
N THR B 203 -36.18 10.54 -10.00
CA THR B 203 -36.59 10.15 -11.34
C THR B 203 -35.47 10.45 -12.33
N LYS B 204 -35.68 10.02 -13.58
CA LYS B 204 -34.73 10.22 -14.65
C LYS B 204 -35.47 10.69 -15.90
N SER B 205 -34.76 11.44 -16.74
CA SER B 205 -35.37 11.99 -17.94
C SER B 205 -35.81 10.90 -18.90
N TYR B 206 -34.97 9.86 -19.08
CA TYR B 206 -35.30 8.82 -20.04
C TYR B 206 -36.53 8.03 -19.64
N GLU B 207 -36.73 7.81 -18.34
CA GLU B 207 -37.92 7.08 -17.90
C GLU B 207 -39.18 7.87 -18.21
N SER B 208 -39.18 9.17 -17.94
CA SER B 208 -40.34 9.99 -18.25
C SER B 208 -40.59 10.05 -19.75
N LEU B 209 -39.52 10.20 -20.54
CA LEU B 209 -39.68 10.20 -21.99
C LEU B 209 -40.25 8.87 -22.47
N PHE B 210 -39.81 7.76 -21.88
CA PHE B 210 -40.34 6.46 -22.21
C PHE B 210 -41.82 6.36 -21.87
N ILE B 211 -42.22 6.91 -20.71
CA ILE B 211 -43.62 6.85 -20.32
C ILE B 211 -44.48 7.62 -21.32
N ARG B 212 -44.07 8.83 -21.66
CA ARG B 212 -44.80 9.62 -22.66
C ARG B 212 -44.83 8.91 -24.02
N ALA B 213 -43.72 8.28 -24.39
CA ALA B 213 -43.65 7.61 -25.68
C ALA B 213 -44.59 6.41 -25.75
N VAL B 214 -44.65 5.62 -24.67
CA VAL B 214 -45.58 4.50 -24.64
C VAL B 214 -47.01 5.00 -24.64
N ARG B 215 -47.27 6.12 -23.95
CA ARG B 215 -48.61 6.71 -23.99
C ARG B 215 -48.99 7.09 -25.42
N ALA B 216 -48.06 7.73 -26.14
CA ALA B 216 -48.33 8.11 -27.53
C ALA B 216 -48.52 6.90 -28.41
N TYR B 217 -47.69 5.86 -28.23
CA TYR B 217 -47.81 4.66 -29.05
C TYR B 217 -49.14 3.96 -28.81
N ASN B 218 -49.59 3.90 -27.56
CA ASN B 218 -50.93 3.41 -27.27
C ASN B 218 -52.00 4.29 -27.86
N GLY B 219 -51.75 5.60 -27.97
CA GLY B 219 -52.66 6.50 -28.63
C GLY B 219 -52.43 6.56 -30.14
N GLU B 220 -52.01 5.42 -30.70
CA GLU B 220 -51.77 5.22 -32.13
C GLU B 220 -51.09 6.41 -32.81
N ASN B 221 -50.14 7.03 -32.13
CA ASN B 221 -49.33 8.11 -32.69
C ASN B 221 -47.94 7.58 -32.97
N TRP B 222 -47.40 7.91 -34.15
CA TRP B 222 -46.15 7.31 -34.62
C TRP B 222 -44.98 8.28 -34.65
N ARG B 223 -45.14 9.43 -35.31
CA ARG B 223 -44.03 10.37 -35.46
C ARG B 223 -43.55 10.87 -34.11
N THR B 224 -44.48 11.25 -33.24
CA THR B 224 -44.09 11.65 -31.89
C THR B 224 -43.40 10.51 -31.16
N SER B 225 -43.91 9.29 -31.32
CA SER B 225 -43.31 8.14 -30.67
C SER B 225 -41.86 7.94 -31.11
N ILE B 226 -41.60 7.95 -32.41
CA ILE B 226 -40.24 7.69 -32.89
C ILE B 226 -39.32 8.83 -32.46
N THR B 227 -39.83 10.07 -32.48
CA THR B 227 -39.01 11.18 -31.99
C THR B 227 -38.62 10.97 -30.54
N ASP B 228 -39.57 10.56 -29.71
CA ASP B 228 -39.27 10.31 -28.31
C ASP B 228 -38.27 9.16 -28.15
N MET B 229 -38.39 8.11 -28.96
CA MET B 229 -37.41 7.02 -28.86
C MET B 229 -36.00 7.50 -29.20
N GLU B 230 -35.85 8.23 -30.29
CA GLU B 230 -34.53 8.71 -30.67
C GLU B 230 -33.99 9.77 -29.70
N LEU B 231 -34.86 10.47 -28.99
CA LEU B 231 -34.36 11.30 -27.89
C LEU B 231 -33.92 10.47 -26.70
N ALA B 232 -34.71 9.47 -26.31
CA ALA B 232 -34.51 8.77 -25.05
C ALA B 232 -33.33 7.80 -25.10
N LEU B 233 -33.11 7.13 -26.23
CA LEU B 233 -32.06 6.12 -26.29
C LEU B 233 -30.67 6.67 -25.93
N PRO B 234 -30.19 7.77 -26.51
CA PRO B 234 -28.86 8.26 -26.12
C PRO B 234 -28.76 8.64 -24.65
N ASP B 235 -29.82 9.18 -24.05
CA ASP B 235 -29.76 9.50 -22.63
C ASP B 235 -29.60 8.25 -21.79
N PHE B 236 -30.33 7.19 -22.12
CA PHE B 236 -30.17 5.93 -21.39
C PHE B 236 -28.77 5.37 -21.54
N PHE B 237 -28.23 5.39 -22.76
CA PHE B 237 -26.87 4.90 -22.96
C PHE B 237 -25.86 5.73 -22.17
N LYS B 238 -26.02 7.06 -22.19
CA LYS B 238 -25.11 7.92 -21.45
C LYS B 238 -25.19 7.65 -19.95
N ALA B 239 -26.40 7.54 -19.40
CA ALA B 239 -26.55 7.28 -17.98
C ALA B 239 -25.94 5.95 -17.60
N PHE B 240 -26.17 4.92 -18.43
CA PHE B 240 -25.58 3.62 -18.15
C PHE B 240 -24.06 3.69 -18.14
N TYR B 241 -23.47 4.38 -19.13
CA TYR B 241 -22.02 4.47 -19.20
C TYR B 241 -21.44 5.24 -18.02
N GLU B 242 -22.05 6.36 -17.63
CA GLU B 242 -21.54 7.09 -16.48
C GLU B 242 -21.69 6.30 -15.20
N CYS B 243 -22.81 5.59 -15.03
CA CYS B 243 -22.99 4.81 -13.80
C CYS B 243 -22.00 3.64 -13.75
N LEU B 244 -21.66 3.08 -14.91
CA LEU B 244 -20.56 2.12 -14.95
C LEU B 244 -19.25 2.77 -14.55
N ALA B 245 -18.97 3.96 -15.09
CA ALA B 245 -17.71 4.64 -14.80
C ALA B 245 -17.64 5.14 -13.37
N ALA B 246 -18.75 5.12 -12.64
CA ALA B 246 -18.77 5.56 -11.25
C ALA B 246 -18.61 4.41 -10.25
N CYS B 247 -18.35 3.19 -10.72
CA CYS B 247 -18.27 2.03 -9.85
C CYS B 247 -16.86 1.71 -9.40
N GLU B 248 -15.83 2.32 -9.99
CA GLU B 248 -14.45 2.03 -9.62
C GLU B 248 -14.06 2.86 -8.40
N GLY B 249 -14.65 2.49 -7.27
CA GLY B 249 -14.37 3.12 -6.00
C GLY B 249 -13.21 2.47 -5.28
N SER B 250 -13.09 2.79 -3.99
CA SER B 250 -12.02 2.23 -3.16
C SER B 250 -12.47 0.89 -2.57
N ARG B 251 -11.68 0.39 -1.63
CA ARG B 251 -12.00 -0.86 -0.95
C ARG B 251 -11.38 -0.82 0.44
N GLU B 252 -11.67 -1.85 1.22
CA GLU B 252 -11.02 -2.06 2.51
C GLU B 252 -9.93 -3.11 2.36
N ILE B 253 -8.70 -2.73 2.66
CA ILE B 253 -7.58 -3.66 2.56
C ILE B 253 -7.62 -4.61 3.75
N LYS B 254 -7.48 -5.91 3.47
CA LYS B 254 -7.51 -6.92 4.52
C LYS B 254 -6.53 -8.05 4.26
N ASP B 255 -5.65 -7.93 3.26
CA ASP B 255 -4.68 -8.97 2.94
C ASP B 255 -3.53 -8.33 2.18
N PHE B 256 -2.42 -9.04 2.11
CA PHE B 256 -1.22 -8.57 1.41
C PHE B 256 -0.73 -9.70 0.51
N LYS B 257 -0.91 -9.54 -0.80
CA LYS B 257 -0.53 -10.55 -1.78
C LYS B 257 0.44 -9.97 -2.79
N ASP B 258 0.78 -10.77 -3.80
CA ASP B 258 1.71 -10.36 -4.84
C ASP B 258 0.97 -9.39 -5.76
N PHE B 259 1.73 -8.69 -6.61
CA PHE B 259 1.19 -7.62 -7.45
C PHE B 259 -0.04 -8.09 -8.23
N TYR B 260 0.12 -9.10 -9.09
CA TYR B 260 -0.99 -9.55 -9.91
C TYR B 260 -2.16 -10.05 -9.06
N LEU B 261 -1.86 -10.88 -8.05
CA LEU B 261 -2.91 -11.39 -7.19
C LEU B 261 -3.61 -10.28 -6.41
N SER B 262 -2.84 -9.31 -5.89
CA SER B 262 -3.43 -8.22 -5.13
C SER B 262 -4.32 -7.33 -5.98
N ILE B 263 -3.90 -6.99 -7.21
CA ILE B 263 -4.71 -6.11 -8.05
C ILE B 263 -5.72 -6.87 -8.90
N ALA B 264 -5.76 -8.20 -8.80
CA ALA B 264 -6.80 -8.98 -9.46
C ALA B 264 -8.01 -9.21 -8.58
N ASP B 265 -8.00 -8.73 -7.34
CA ASP B 265 -9.13 -8.83 -6.43
C ASP B 265 -9.93 -7.55 -6.33
N HIS B 266 -9.25 -6.40 -6.43
CA HIS B 266 -9.95 -5.13 -6.54
C HIS B 266 -10.89 -5.15 -7.74
N TYR B 267 -10.45 -5.74 -8.86
CA TYR B 267 -11.34 -5.84 -10.00
C TYR B 267 -12.44 -6.86 -9.74
N VAL B 268 -12.16 -7.92 -9.00
CA VAL B 268 -13.24 -8.85 -8.64
C VAL B 268 -14.35 -8.10 -7.92
N GLU B 269 -13.98 -7.25 -6.97
CA GLU B 269 -14.98 -6.50 -6.21
C GLU B 269 -15.71 -5.48 -7.09
N VAL B 270 -14.97 -4.73 -7.91
CA VAL B 270 -15.64 -3.68 -8.69
C VAL B 270 -16.50 -4.30 -9.78
N LEU B 271 -16.10 -5.47 -10.31
CA LEU B 271 -16.94 -6.19 -11.27
C LEU B 271 -18.19 -6.73 -10.60
N GLU B 272 -18.07 -7.21 -9.36
CA GLU B 272 -19.26 -7.58 -8.61
C GLU B 272 -20.20 -6.39 -8.47
N CYS B 273 -19.66 -5.21 -8.22
CA CYS B 273 -20.50 -4.01 -8.17
C CYS B 273 -21.07 -3.67 -9.56
N LYS B 274 -20.29 -3.90 -10.61
CA LYS B 274 -20.68 -3.50 -11.96
C LYS B 274 -21.81 -4.36 -12.50
N ILE B 275 -21.83 -5.64 -12.15
CA ILE B 275 -22.75 -6.57 -12.80
C ILE B 275 -24.20 -6.17 -12.57
N GLN B 276 -24.46 -5.44 -11.47
CA GLN B 276 -25.83 -5.00 -11.18
C GLN B 276 -26.16 -3.66 -11.82
N CYS B 277 -25.23 -3.06 -12.56
CA CYS B 277 -25.46 -1.73 -13.14
C CYS B 277 -26.64 -1.72 -14.10
N GLU B 278 -26.72 -2.71 -14.99
CA GLU B 278 -27.78 -2.72 -15.98
C GLU B 278 -29.15 -2.89 -15.31
N GLU B 279 -29.24 -3.79 -14.33
CA GLU B 279 -30.51 -4.05 -13.66
C GLU B 279 -30.92 -2.97 -12.68
N ASN B 280 -29.97 -2.17 -12.18
CA ASN B 280 -30.31 -1.12 -11.23
C ASN B 280 -30.92 0.11 -11.89
N LEU B 281 -30.75 0.27 -13.20
CA LEU B 281 -31.30 1.40 -13.93
C LEU B 281 -32.56 1.05 -14.70
N THR B 282 -33.09 -0.15 -14.52
CA THR B 282 -34.26 -0.57 -15.27
C THR B 282 -35.50 0.15 -14.74
N PRO B 283 -36.24 0.86 -15.58
CA PRO B 283 -37.47 1.50 -15.11
C PRO B 283 -38.50 0.46 -14.67
N VAL B 284 -39.26 0.82 -13.64
CA VAL B 284 -40.27 -0.06 -13.07
C VAL B 284 -41.62 0.63 -13.16
N ILE B 285 -42.60 -0.08 -13.71
CA ILE B 285 -43.98 0.40 -13.79
C ILE B 285 -44.89 -0.70 -13.26
N GLY B 286 -45.96 -0.30 -12.57
CA GLY B 286 -46.88 -1.27 -12.00
C GLY B 286 -46.28 -2.17 -10.95
N GLY B 287 -45.15 -1.78 -10.35
CA GLY B 287 -44.50 -2.60 -9.36
C GLY B 287 -43.67 -3.74 -9.91
N TYR B 288 -43.49 -3.81 -11.23
CA TYR B 288 -42.74 -4.89 -11.86
C TYR B 288 -41.69 -4.28 -12.77
N PRO B 289 -40.43 -4.67 -12.65
CA PRO B 289 -39.43 -4.21 -13.62
C PRO B 289 -39.74 -4.70 -15.02
N VAL B 290 -39.52 -3.83 -16.00
CA VAL B 290 -39.79 -4.15 -17.40
C VAL B 290 -38.56 -4.89 -17.94
N GLU B 291 -38.71 -6.20 -18.15
CA GLU B 291 -37.59 -7.01 -18.61
C GLU B 291 -37.21 -6.64 -20.05
N LYS B 292 -35.91 -6.75 -20.35
CA LYS B 292 -35.38 -6.51 -21.68
C LYS B 292 -35.77 -5.11 -22.18
N PHE B 293 -35.28 -4.09 -21.45
CA PHE B 293 -35.65 -2.71 -21.76
C PHE B 293 -35.20 -2.33 -23.16
N VAL B 294 -33.95 -2.61 -23.52
CA VAL B 294 -33.45 -2.27 -24.84
C VAL B 294 -34.16 -3.10 -25.91
N ALA B 295 -34.46 -4.36 -25.60
CA ALA B 295 -35.15 -5.20 -26.57
C ALA B 295 -36.55 -4.67 -26.87
N THR B 296 -37.31 -4.34 -25.83
CA THR B 296 -38.64 -3.76 -26.04
C THR B 296 -38.52 -2.40 -26.72
N MET B 297 -37.47 -1.64 -26.38
CA MET B 297 -37.20 -0.39 -27.07
C MET B 297 -37.13 -0.60 -28.58
N TYR B 298 -36.29 -1.54 -29.00
CA TYR B 298 -36.08 -1.74 -30.43
C TYR B 298 -37.30 -2.36 -31.09
N HIS B 299 -38.04 -3.18 -30.34
CA HIS B 299 -39.27 -3.75 -30.88
C HIS B 299 -40.31 -2.67 -31.16
N TYR B 300 -40.49 -1.75 -30.21
CA TYR B 300 -41.40 -0.63 -30.42
C TYR B 300 -40.93 0.23 -31.59
N LEU B 301 -39.63 0.49 -31.66
CA LEU B 301 -39.12 1.29 -32.77
C LEU B 301 -39.37 0.61 -34.11
N GLN B 302 -39.16 -0.70 -34.17
CA GLN B 302 -39.38 -1.45 -35.40
C GLN B 302 -40.86 -1.42 -35.80
N PHE B 303 -41.75 -1.63 -34.83
CA PHE B 303 -43.18 -1.59 -35.15
C PHE B 303 -43.60 -0.21 -35.64
N ALA B 304 -43.11 0.85 -35.00
CA ALA B 304 -43.45 2.20 -35.42
C ALA B 304 -42.93 2.48 -36.82
N TYR B 305 -41.69 2.06 -37.12
CA TYR B 305 -41.15 2.27 -38.46
C TYR B 305 -41.94 1.49 -39.50
N TYR B 306 -42.34 0.27 -39.17
CA TYR B 306 -43.16 -0.52 -40.09
C TYR B 306 -44.49 0.17 -40.36
N LYS B 307 -45.11 0.73 -39.32
CA LYS B 307 -46.40 1.39 -39.50
C LYS B 307 -46.31 2.57 -40.46
N LEU B 308 -45.15 3.21 -40.59
CA LEU B 308 -44.96 4.29 -41.54
C LEU B 308 -44.25 3.85 -42.80
N ASN B 309 -44.05 2.54 -42.99
CA ASN B 309 -43.46 1.98 -44.21
C ASN B 309 -42.03 2.50 -44.43
N ASP B 310 -41.32 2.77 -43.34
CA ASP B 310 -39.93 3.21 -43.40
C ASP B 310 -39.03 2.00 -43.18
N LEU B 311 -38.97 1.14 -44.19
CA LEU B 311 -38.19 -0.09 -44.10
C LEU B 311 -36.69 0.21 -43.95
N LYS B 312 -36.22 1.28 -44.62
CA LYS B 312 -34.82 1.66 -44.54
C LYS B 312 -34.34 1.79 -43.11
N ASN B 313 -35.16 2.39 -42.23
CA ASN B 313 -34.83 2.47 -40.82
C ASN B 313 -35.41 1.32 -40.01
N ALA B 314 -36.39 0.60 -40.55
CA ALA B 314 -37.01 -0.50 -39.82
C ALA B 314 -36.11 -1.72 -39.72
N ALA B 315 -35.41 -2.06 -40.81
CA ALA B 315 -34.59 -3.26 -40.81
C ALA B 315 -33.51 -3.27 -39.72
N PRO B 316 -32.72 -2.20 -39.51
CA PRO B 316 -31.69 -2.27 -38.47
C PRO B 316 -32.24 -2.54 -37.08
N CYS B 317 -33.41 -2.01 -36.75
CA CYS B 317 -34.01 -2.28 -35.45
C CYS B 317 -34.32 -3.76 -35.29
N ALA B 318 -34.89 -4.37 -36.32
CA ALA B 318 -35.17 -5.80 -36.27
C ALA B 318 -33.88 -6.61 -36.13
N VAL B 319 -32.84 -6.21 -36.86
CA VAL B 319 -31.56 -6.91 -36.75
C VAL B 319 -31.02 -6.78 -35.33
N SER B 320 -31.11 -5.59 -34.73
CA SER B 320 -30.65 -5.40 -33.37
C SER B 320 -31.42 -6.26 -32.38
N TYR B 321 -32.75 -6.32 -32.54
CA TYR B 321 -33.55 -7.16 -31.66
C TYR B 321 -33.18 -8.63 -31.81
N LEU B 322 -32.96 -9.10 -33.04
CA LEU B 322 -32.54 -10.48 -33.24
C LEU B 322 -31.18 -10.73 -32.60
N LEU B 323 -30.29 -9.73 -32.65
CA LEU B 323 -29.02 -9.85 -31.96
C LEU B 323 -29.20 -9.97 -30.46
N PHE B 324 -30.11 -9.20 -29.88
CA PHE B 324 -30.34 -9.28 -28.44
C PHE B 324 -31.00 -10.58 -28.03
N ASP B 325 -31.83 -11.17 -28.91
CA ASP B 325 -32.48 -12.44 -28.58
C ASP B 325 -32.78 -13.15 -29.91
N GLN B 326 -31.99 -14.18 -30.20
CA GLN B 326 -32.18 -14.94 -31.43
C GLN B 326 -33.47 -15.74 -31.42
N ASN B 327 -33.92 -16.17 -30.24
CA ASN B 327 -35.10 -17.01 -30.15
C ASN B 327 -36.36 -16.20 -30.44
N ASP B 328 -36.86 -16.31 -31.66
CA ASP B 328 -38.07 -15.61 -32.08
C ASP B 328 -38.64 -16.35 -33.30
N LYS B 329 -39.91 -16.09 -33.58
CA LYS B 329 -40.58 -16.73 -34.71
C LYS B 329 -41.23 -15.68 -35.60
N VAL B 330 -41.74 -14.61 -35.02
CA VAL B 330 -42.52 -13.64 -35.78
C VAL B 330 -41.60 -12.71 -36.57
N MET B 331 -40.73 -11.98 -35.90
CA MET B 331 -39.92 -11.00 -36.61
C MET B 331 -38.71 -11.63 -37.27
N GLN B 332 -38.35 -12.86 -36.90
CA GLN B 332 -37.47 -13.66 -37.75
C GLN B 332 -38.11 -13.85 -39.12
N GLN B 333 -39.39 -14.21 -39.14
CA GLN B 333 -40.12 -14.33 -40.40
C GLN B 333 -40.23 -12.97 -41.09
N ASN B 334 -40.35 -11.89 -40.31
CA ASN B 334 -40.37 -10.56 -40.89
C ASN B 334 -39.07 -10.26 -41.61
N LEU B 335 -37.94 -10.63 -41.01
CA LEU B 335 -36.63 -10.43 -41.61
C LEU B 335 -36.49 -11.30 -42.86
N VAL B 336 -37.04 -12.51 -42.82
CA VAL B 336 -37.04 -13.36 -44.00
C VAL B 336 -37.81 -12.69 -45.13
N TYR B 337 -38.97 -12.13 -44.82
CA TYR B 337 -39.76 -11.41 -45.82
C TYR B 337 -39.01 -10.22 -46.37
N TYR B 338 -38.33 -9.46 -45.50
CA TYR B 338 -37.56 -8.31 -45.94
C TYR B 338 -36.42 -8.74 -46.87
N GLN B 339 -35.74 -9.84 -46.54
CA GLN B 339 -34.70 -10.37 -47.40
C GLN B 339 -35.26 -10.79 -48.75
N TYR B 340 -36.46 -11.38 -48.74
CA TYR B 340 -37.08 -11.81 -49.99
C TYR B 340 -37.36 -10.62 -50.90
N HIS B 341 -37.83 -9.51 -50.34
CA HIS B 341 -38.12 -8.29 -51.10
C HIS B 341 -37.03 -7.25 -50.94
N ARG B 342 -35.77 -7.67 -50.77
CA ARG B 342 -34.68 -6.71 -50.63
C ARG B 342 -34.45 -5.92 -51.92
N ASP B 343 -34.75 -6.52 -53.08
CA ASP B 343 -34.56 -5.88 -54.37
C ASP B 343 -35.80 -5.13 -54.83
N THR B 344 -36.65 -4.71 -53.90
CA THR B 344 -37.86 -3.96 -54.22
C THR B 344 -37.78 -2.49 -53.83
N TRP B 345 -37.42 -2.18 -52.60
CA TRP B 345 -37.29 -0.80 -52.15
C TRP B 345 -35.88 -0.27 -52.28
N GLY B 346 -34.95 -1.08 -52.77
CA GLY B 346 -33.58 -0.63 -52.97
C GLY B 346 -32.74 -0.60 -51.71
N LEU B 347 -32.52 -1.76 -51.10
CA LEU B 347 -31.70 -1.88 -49.90
C LEU B 347 -30.42 -2.64 -50.23
N SER B 348 -29.28 -2.02 -49.91
CA SER B 348 -27.99 -2.68 -50.05
C SER B 348 -27.78 -3.65 -48.89
N ASP B 349 -26.73 -4.47 -48.99
CA ASP B 349 -26.43 -5.40 -47.91
C ASP B 349 -25.93 -4.70 -46.65
N GLU B 350 -25.55 -3.43 -46.75
CA GLU B 350 -25.08 -2.68 -45.60
C GLU B 350 -26.20 -2.30 -44.65
N HIS B 351 -27.45 -2.28 -45.12
CA HIS B 351 -28.58 -1.85 -44.31
C HIS B 351 -29.10 -2.96 -43.39
N PHE B 352 -28.51 -4.15 -43.44
CA PHE B 352 -28.98 -5.29 -42.67
C PHE B 352 -28.13 -5.55 -41.43
N GLN B 353 -27.30 -4.58 -41.03
CA GLN B 353 -26.44 -4.73 -39.87
C GLN B 353 -26.98 -3.92 -38.68
N PRO B 354 -26.71 -4.37 -37.46
CA PRO B 354 -27.22 -3.65 -36.29
C PRO B 354 -26.54 -2.31 -36.11
N ARG B 355 -27.22 -1.42 -35.39
CA ARG B 355 -26.65 -0.11 -35.09
C ARG B 355 -25.42 -0.27 -34.20
N PRO B 356 -24.41 0.59 -34.35
CA PRO B 356 -23.16 0.41 -33.58
C PRO B 356 -23.36 0.45 -32.08
N GLU B 357 -24.28 1.28 -31.58
CA GLU B 357 -24.48 1.37 -30.13
C GLU B 357 -25.00 0.05 -29.56
N ALA B 358 -25.89 -0.63 -30.27
CA ALA B 358 -26.37 -1.93 -29.82
C ALA B 358 -25.23 -2.93 -29.77
N VAL B 359 -24.33 -2.89 -30.75
CA VAL B 359 -23.17 -3.77 -30.75
C VAL B 359 -22.28 -3.46 -29.54
N GLN B 360 -22.07 -2.18 -29.25
CA GLN B 360 -21.27 -1.80 -28.09
C GLN B 360 -21.89 -2.33 -26.80
N PHE B 361 -23.21 -2.17 -26.65
CA PHE B 361 -23.88 -2.65 -25.45
C PHE B 361 -23.77 -4.16 -25.31
N PHE B 362 -23.99 -4.88 -26.42
CA PHE B 362 -23.87 -6.33 -26.40
C PHE B 362 -22.47 -6.77 -26.01
N ASN B 363 -21.45 -6.15 -26.60
CA ASN B 363 -20.07 -6.47 -26.26
C ASN B 363 -19.82 -6.24 -24.78
N VAL B 364 -20.19 -5.06 -24.27
CA VAL B 364 -19.83 -4.69 -22.92
C VAL B 364 -20.62 -5.48 -21.88
N THR B 365 -21.76 -6.06 -22.27
CA THR B 365 -22.47 -6.93 -21.33
C THR B 365 -21.95 -8.35 -21.36
N THR B 366 -21.81 -8.92 -22.56
CA THR B 366 -21.36 -10.30 -22.69
C THR B 366 -19.94 -10.48 -22.16
N LEU B 367 -19.05 -9.53 -22.47
CA LEU B 367 -17.68 -9.64 -21.97
C LEU B 367 -17.64 -9.60 -20.45
N GLN B 368 -18.42 -8.70 -19.84
CA GLN B 368 -18.44 -8.62 -18.39
C GLN B 368 -18.95 -9.90 -17.76
N LYS B 369 -20.04 -10.46 -18.31
CA LYS B 369 -20.58 -11.69 -17.73
C LYS B 369 -19.60 -12.84 -17.89
N GLU B 370 -18.96 -12.96 -19.05
CA GLU B 370 -18.00 -14.03 -19.27
C GLU B 370 -16.81 -13.89 -18.35
N LEU B 371 -16.30 -12.67 -18.17
CA LEU B 371 -15.18 -12.45 -17.28
C LEU B 371 -15.54 -12.77 -15.84
N TYR B 372 -16.75 -12.40 -15.41
CA TYR B 372 -17.18 -12.76 -14.06
C TYR B 372 -17.25 -14.26 -13.87
N ASP B 373 -17.82 -14.98 -14.85
CA ASP B 373 -17.90 -16.43 -14.73
C ASP B 373 -16.53 -17.07 -14.69
N PHE B 374 -15.61 -16.59 -15.53
CA PHE B 374 -14.25 -17.12 -15.50
C PHE B 374 -13.56 -16.81 -14.18
N ALA B 375 -13.74 -15.59 -13.67
CA ALA B 375 -13.07 -15.19 -12.43
C ALA B 375 -13.57 -16.01 -11.25
N LYS B 376 -14.88 -16.29 -11.21
CA LYS B 376 -15.40 -17.11 -10.11
C LYS B 376 -15.21 -18.61 -10.35
N GLU B 377 -14.02 -19.00 -10.78
CA GLU B 377 -13.61 -20.40 -10.78
C GLU B 377 -12.18 -20.62 -10.28
N ASN B 378 -11.28 -19.66 -10.47
CA ASN B 378 -9.87 -19.82 -10.12
C ASN B 378 -9.34 -18.70 -9.25
N ILE B 379 -9.83 -17.47 -9.44
CA ILE B 379 -9.30 -16.35 -8.68
C ILE B 379 -9.90 -16.30 -7.28
N MET B 380 -11.22 -16.39 -7.18
CA MET B 380 -11.88 -16.31 -5.89
C MET B 380 -11.45 -17.48 -5.02
N ASP B 381 -11.08 -17.18 -3.78
CA ASP B 381 -10.65 -18.22 -2.86
C ASP B 381 -11.83 -19.05 -2.40
N ASP B 382 -11.54 -20.31 -2.05
CA ASP B 382 -12.57 -21.27 -1.63
C ASP B 382 -12.28 -21.65 -0.18
N ASP B 383 -12.84 -20.86 0.75
CA ASP B 383 -12.73 -21.17 2.16
C ASP B 383 -14.06 -20.96 2.90
N GLU B 384 -15.12 -20.61 2.19
CA GLU B 384 -16.43 -20.38 2.78
C GLU B 384 -17.33 -21.56 2.52
N GLY B 385 -18.43 -21.64 3.27
CA GLY B 385 -19.32 -22.76 3.11
C GLY B 385 -20.72 -22.41 3.57
N GLU B 386 -21.59 -23.42 3.54
CA GLU B 386 -22.99 -23.25 3.86
C GLU B 386 -23.24 -23.59 5.33
N VAL B 387 -23.85 -22.66 6.05
CA VAL B 387 -24.15 -22.87 7.46
C VAL B 387 -25.44 -23.68 7.60
N VAL B 388 -25.33 -24.88 8.14
CA VAL B 388 -26.48 -25.75 8.30
C VAL B 388 -27.04 -25.64 9.71
N LYS C 37 -26.83 -17.50 4.88
CA LYS C 37 -25.61 -16.77 5.17
C LYS C 37 -24.38 -17.66 4.95
N LYS C 38 -23.20 -17.07 5.09
CA LYS C 38 -21.95 -17.75 4.78
C LYS C 38 -21.03 -17.71 6.00
N GLY C 39 -19.97 -18.52 5.95
CA GLY C 39 -19.04 -18.60 7.04
C GLY C 39 -17.80 -19.41 6.71
N PRO C 40 -16.76 -19.29 7.53
CA PRO C 40 -15.52 -20.02 7.28
C PRO C 40 -15.61 -21.47 7.73
N LYS C 41 -14.62 -22.25 7.34
CA LYS C 41 -14.57 -23.67 7.66
C LYS C 41 -13.66 -23.94 8.86
N VAL C 42 -13.71 -25.18 9.34
CA VAL C 42 -12.88 -25.60 10.46
C VAL C 42 -12.06 -26.81 10.05
N THR C 43 -10.90 -27.00 10.67
CA THR C 43 -10.01 -28.09 10.29
C THR C 43 -9.60 -28.94 11.49
N VAL C 44 -9.38 -28.30 12.64
CA VAL C 44 -8.84 -28.98 13.82
C VAL C 44 -9.58 -28.48 15.05
N LYS C 45 -9.51 -29.28 16.12
CA LYS C 45 -10.11 -28.97 17.41
C LYS C 45 -9.11 -29.26 18.53
N VAL C 46 -9.20 -28.47 19.59
CA VAL C 46 -8.40 -28.67 20.79
C VAL C 46 -9.34 -28.67 21.99
N TYR C 47 -8.97 -29.41 23.04
CA TYR C 47 -9.89 -29.63 24.16
C TYR C 47 -9.30 -29.09 25.47
N PHE C 48 -8.85 -27.84 25.44
CA PHE C 48 -8.40 -27.09 26.61
C PHE C 48 -9.20 -27.42 27.85
N ASP C 49 -8.52 -27.72 28.95
CA ASP C 49 -9.17 -28.09 30.21
C ASP C 49 -8.65 -27.15 31.30
N LEU C 50 -9.53 -26.31 31.81
CA LEU C 50 -9.15 -25.38 32.86
C LEU C 50 -9.42 -25.98 34.24
N ARG C 51 -8.79 -25.37 35.26
CA ARG C 51 -9.04 -25.70 36.66
C ARG C 51 -8.88 -24.40 37.47
N ILE C 52 -9.97 -23.98 38.09
CA ILE C 52 -9.96 -22.75 38.87
C ILE C 52 -9.44 -23.05 40.27
N GLY C 53 -8.27 -22.54 40.61
CA GLY C 53 -7.71 -22.81 41.91
C GLY C 53 -7.51 -24.29 42.13
N ASP C 54 -8.29 -24.85 43.06
CA ASP C 54 -8.19 -26.26 43.41
C ASP C 54 -9.45 -27.02 43.00
N GLU C 55 -10.17 -26.53 41.99
CA GLU C 55 -11.40 -27.13 41.52
C GLU C 55 -11.32 -27.30 40.00
N ASP C 56 -12.11 -28.22 39.44
CA ASP C 56 -12.13 -28.49 38.01
C ASP C 56 -13.54 -28.24 37.49
N VAL C 57 -13.66 -27.49 36.41
CA VAL C 57 -14.95 -27.05 35.91
C VAL C 57 -15.43 -27.86 34.70
N GLY C 58 -14.60 -28.00 33.67
CA GLY C 58 -15.09 -28.65 32.47
C GLY C 58 -14.11 -28.80 31.32
N ARG C 59 -14.59 -28.55 30.11
CA ARG C 59 -13.84 -28.87 28.89
C ARG C 59 -14.31 -27.90 27.81
N VAL C 60 -13.50 -26.89 27.51
CA VAL C 60 -13.86 -25.92 26.48
C VAL C 60 -13.38 -26.40 25.11
N ILE C 61 -14.24 -27.14 24.42
CA ILE C 61 -13.92 -27.64 23.08
C ILE C 61 -13.83 -26.47 22.13
N PHE C 62 -12.62 -26.22 21.60
CA PHE C 62 -12.39 -25.07 20.74
C PHE C 62 -12.78 -25.34 19.30
N GLY C 63 -12.41 -24.42 18.41
CA GLY C 63 -12.57 -24.60 16.98
C GLY C 63 -11.67 -23.63 16.23
N LEU C 64 -10.89 -24.14 15.27
CA LEU C 64 -9.87 -23.35 14.63
C LEU C 64 -10.02 -23.40 13.12
N PHE C 65 -10.12 -22.24 12.48
CA PHE C 65 -10.12 -22.20 11.03
C PHE C 65 -8.74 -22.57 10.49
N GLY C 66 -8.72 -23.49 9.53
CA GLY C 66 -7.46 -24.00 9.03
C GLY C 66 -7.27 -23.78 7.54
N LYS C 67 -8.15 -23.00 6.93
CA LYS C 67 -8.02 -22.67 5.52
C LYS C 67 -8.08 -21.18 5.24
N THR C 68 -8.19 -20.34 6.28
CA THR C 68 -8.18 -18.89 6.11
C THR C 68 -6.93 -18.23 6.65
N VAL C 69 -6.35 -18.75 7.73
CA VAL C 69 -5.09 -18.25 8.25
C VAL C 69 -4.16 -19.45 8.44
N PRO C 70 -3.62 -20.01 7.37
CA PRO C 70 -2.70 -21.15 7.50
C PRO C 70 -1.31 -20.69 7.91
N LYS C 71 -0.98 -20.87 9.20
CA LYS C 71 0.30 -20.55 9.82
C LYS C 71 0.09 -20.38 11.33
N THR C 72 -0.72 -19.38 11.69
CA THR C 72 -1.04 -19.16 13.10
C THR C 72 -1.80 -20.35 13.68
N VAL C 73 -2.74 -20.91 12.91
CA VAL C 73 -3.43 -22.11 13.33
C VAL C 73 -2.48 -23.28 13.48
N ASP C 74 -1.39 -23.32 12.72
CA ASP C 74 -0.36 -24.34 12.91
C ASP C 74 0.46 -24.04 14.16
N ASN C 75 0.74 -22.76 14.40
CA ASN C 75 1.41 -22.35 15.63
C ASN C 75 0.66 -22.86 16.86
N PHE C 76 -0.63 -22.53 16.93
CA PHE C 76 -1.43 -22.91 18.09
C PHE C 76 -1.49 -24.43 18.24
N VAL C 77 -1.73 -25.13 17.14
CA VAL C 77 -1.91 -26.59 17.21
C VAL C 77 -0.62 -27.26 17.63
N ALA C 78 0.49 -26.96 16.95
CA ALA C 78 1.75 -27.59 17.28
C ALA C 78 2.22 -27.21 18.66
N LEU C 79 1.90 -26.01 19.12
CA LEU C 79 2.29 -25.53 20.43
C LEU C 79 1.46 -26.16 21.54
N ALA C 80 0.21 -26.54 21.27
CA ALA C 80 -0.68 -27.08 22.28
C ALA C 80 -0.57 -28.59 22.43
N THR C 81 0.29 -29.24 21.65
CA THR C 81 0.45 -30.70 21.73
C THR C 81 1.66 -31.13 22.53
N GLY C 82 2.46 -30.20 23.05
CA GLY C 82 3.68 -30.56 23.74
C GLY C 82 4.65 -31.26 22.81
N GLU C 83 4.76 -30.75 21.58
CA GLU C 83 5.57 -31.40 20.56
C GLU C 83 7.05 -31.18 20.84
N LYS C 84 7.48 -29.92 20.85
CA LYS C 84 8.88 -29.59 21.10
C LYS C 84 9.18 -29.58 22.59
N GLY C 85 8.32 -28.94 23.38
CA GLY C 85 8.53 -28.89 24.82
C GLY C 85 8.12 -27.59 25.46
N PHE C 86 7.97 -26.53 24.66
CA PHE C 86 7.49 -25.26 25.18
C PHE C 86 5.96 -25.26 25.23
N GLY C 87 5.37 -26.26 25.85
CA GLY C 87 3.93 -26.43 25.78
C GLY C 87 3.16 -25.43 26.62
N TYR C 88 1.85 -25.39 26.36
CA TYR C 88 0.92 -24.63 27.20
C TYR C 88 0.65 -25.32 28.52
N LYS C 89 1.17 -26.53 28.71
CA LYS C 89 0.99 -27.27 29.96
C LYS C 89 1.50 -26.44 31.13
N ASN C 90 0.67 -26.30 32.16
CA ASN C 90 0.99 -25.54 33.37
C ASN C 90 1.33 -24.09 33.03
N SER C 91 0.33 -23.39 32.49
CA SER C 91 0.48 -21.98 32.17
C SER C 91 -0.34 -21.12 33.14
N LYS C 92 -0.35 -19.81 32.92
CA LYS C 92 -0.98 -18.89 33.87
C LYS C 92 -1.86 -17.91 33.11
N PHE C 93 -3.06 -17.68 33.63
CA PHE C 93 -3.93 -16.61 33.11
C PHE C 93 -3.72 -15.36 33.95
N HIS C 94 -2.95 -14.41 33.42
CA HIS C 94 -2.60 -13.23 34.21
C HIS C 94 -3.67 -12.16 34.20
N ARG C 95 -4.01 -11.62 33.02
CA ARG C 95 -4.99 -10.54 32.97
C ARG C 95 -6.40 -11.08 32.88
N VAL C 96 -7.22 -10.75 33.88
CA VAL C 96 -8.64 -11.06 33.82
C VAL C 96 -9.40 -9.77 34.10
N ILE C 97 -9.77 -9.06 33.03
CA ILE C 97 -10.58 -7.86 33.19
C ILE C 97 -12.05 -8.26 33.12
N LYS C 98 -12.87 -7.59 33.93
CA LYS C 98 -14.26 -7.98 34.15
C LYS C 98 -15.07 -8.12 32.86
N ASP C 99 -15.00 -7.24 31.85
CA ASP C 99 -15.90 -7.37 30.71
C ASP C 99 -15.27 -7.11 29.36
N PHE C 100 -13.97 -7.38 29.19
CA PHE C 100 -13.41 -7.13 27.87
C PHE C 100 -12.59 -8.31 27.35
N MET C 101 -11.90 -9.03 28.23
CA MET C 101 -11.08 -10.15 27.76
C MET C 101 -10.72 -11.03 28.96
N ILE C 102 -10.13 -12.20 28.67
CA ILE C 102 -9.68 -13.14 29.68
C ILE C 102 -8.23 -13.53 29.38
N GLN C 103 -7.53 -12.65 28.67
CA GLN C 103 -6.26 -13.01 28.03
C GLN C 103 -5.23 -13.50 29.04
N GLY C 104 -4.51 -14.55 28.64
CA GLY C 104 -3.29 -14.92 29.33
C GLY C 104 -2.64 -16.16 28.77
N GLY C 105 -1.34 -16.08 28.50
CA GLY C 105 -0.54 -17.24 28.18
C GLY C 105 0.94 -16.93 28.08
N ASP C 106 1.75 -17.67 28.82
CA ASP C 106 3.21 -17.54 28.77
C ASP C 106 3.80 -18.67 29.60
N PHE C 107 4.73 -19.41 29.00
CA PHE C 107 5.36 -20.56 29.68
C PHE C 107 6.72 -20.11 30.20
N THR C 108 7.32 -19.14 29.52
CA THR C 108 8.66 -18.62 29.93
C THR C 108 8.50 -17.86 31.24
N ARG C 109 7.80 -16.73 31.19
CA ARG C 109 7.52 -15.99 32.44
C ARG C 109 6.09 -16.36 32.87
N GLY C 110 5.56 -15.68 33.88
CA GLY C 110 4.23 -16.04 34.39
C GLY C 110 3.21 -14.96 34.13
N ASP C 111 3.66 -13.76 33.75
CA ASP C 111 2.72 -12.63 33.59
C ASP C 111 3.34 -11.53 32.74
N GLY C 112 4.66 -11.55 32.55
CA GLY C 112 5.32 -10.45 31.82
C GLY C 112 5.23 -10.59 30.32
N THR C 113 6.23 -10.10 29.61
CA THR C 113 6.19 -10.13 28.12
C THR C 113 6.65 -11.50 27.63
N GLY C 114 6.61 -12.52 28.51
CA GLY C 114 7.05 -13.88 28.14
C GLY C 114 6.36 -14.39 26.90
N GLY C 115 7.13 -14.94 25.95
CA GLY C 115 6.55 -15.48 24.72
C GLY C 115 7.60 -16.17 23.85
N LYS C 116 7.24 -17.30 23.25
CA LYS C 116 8.17 -17.97 22.36
C LYS C 116 7.44 -18.84 21.35
N SER C 117 7.27 -18.35 20.12
CA SER C 117 6.60 -19.10 19.07
C SER C 117 7.59 -20.07 18.44
N ILE C 118 7.12 -20.87 17.48
CA ILE C 118 7.99 -21.84 16.83
C ILE C 118 8.72 -21.26 15.62
N TYR C 119 8.19 -20.19 15.02
CA TYR C 119 8.81 -19.55 13.87
C TYR C 119 9.87 -18.54 14.27
N GLY C 120 10.39 -18.64 15.49
CA GLY C 120 11.28 -17.64 16.04
C GLY C 120 10.63 -16.92 17.21
N GLU C 121 10.66 -15.60 17.21
CA GLU C 121 10.04 -14.83 18.26
C GLU C 121 8.92 -13.95 17.70
N ARG C 122 8.97 -13.68 16.39
CA ARG C 122 8.04 -12.75 15.77
C ARG C 122 7.68 -13.26 14.39
N PHE C 123 6.44 -13.73 14.22
CA PHE C 123 5.96 -14.16 12.91
C PHE C 123 4.95 -13.16 12.38
N PRO C 124 5.13 -12.61 11.18
CA PRO C 124 4.28 -11.51 10.71
C PRO C 124 2.80 -11.82 10.68
N ASP C 125 1.98 -10.82 10.98
CA ASP C 125 0.55 -10.93 10.79
C ASP C 125 0.25 -11.25 9.33
N GLU C 126 -0.67 -12.18 9.11
CA GLU C 126 -0.81 -12.80 7.80
C GLU C 126 -2.06 -12.36 7.05
N ASN C 127 -3.22 -12.31 7.69
CA ASN C 127 -4.41 -11.80 7.02
C ASN C 127 -5.48 -11.49 8.07
N PHE C 128 -6.01 -10.26 8.04
CA PHE C 128 -7.14 -9.90 8.88
C PHE C 128 -8.45 -10.14 8.15
N LYS C 129 -8.80 -11.42 7.90
CA LYS C 129 -10.00 -11.74 7.13
C LYS C 129 -11.28 -11.63 7.94
N LEU C 130 -11.28 -12.06 9.20
CA LEU C 130 -12.48 -12.02 10.03
C LEU C 130 -12.36 -10.90 11.05
N LYS C 131 -13.52 -10.50 11.58
CA LYS C 131 -13.60 -9.45 12.59
C LYS C 131 -14.36 -10.02 13.78
N HIS C 132 -13.97 -9.63 14.99
CA HIS C 132 -14.58 -10.15 16.20
C HIS C 132 -16.09 -9.96 16.21
N TYR C 133 -16.84 -11.05 16.22
CA TYR C 133 -18.30 -11.02 16.25
C TYR C 133 -18.80 -11.53 17.60
N GLY C 134 -18.93 -10.60 18.54
CA GLY C 134 -19.57 -10.87 19.80
C GLY C 134 -18.79 -11.83 20.68
N PRO C 135 -19.48 -12.42 21.66
CA PRO C 135 -18.80 -13.31 22.62
C PRO C 135 -18.17 -14.53 21.97
N GLY C 136 -17.03 -14.97 22.50
CA GLY C 136 -16.51 -16.27 22.15
C GLY C 136 -15.72 -16.36 20.87
N TRP C 137 -14.75 -15.48 20.66
CA TRP C 137 -13.82 -15.60 19.54
C TRP C 137 -12.40 -15.53 20.08
N VAL C 138 -11.46 -16.08 19.30
CA VAL C 138 -10.08 -16.20 19.74
C VAL C 138 -9.19 -15.48 18.75
N SER C 139 -8.36 -14.57 19.27
CA SER C 139 -7.46 -13.78 18.45
C SER C 139 -6.12 -13.67 19.17
N MET C 140 -5.12 -13.20 18.44
CA MET C 140 -3.74 -13.17 18.92
C MET C 140 -3.43 -11.80 19.53
N ALA C 141 -2.85 -11.80 20.72
CA ALA C 141 -2.50 -10.55 21.39
C ALA C 141 -1.08 -10.14 20.99
N ASN C 142 -0.98 -9.16 20.10
CA ASN C 142 0.32 -8.69 19.63
C ASN C 142 0.86 -7.59 20.54
N ALA C 143 1.93 -6.93 20.09
CA ALA C 143 2.51 -5.79 20.79
C ALA C 143 2.84 -4.69 19.80
N GLY C 144 2.07 -4.61 18.73
CA GLY C 144 2.31 -3.64 17.67
C GLY C 144 2.07 -4.22 16.30
N LYS C 145 2.94 -3.89 15.35
CA LYS C 145 2.85 -4.42 13.99
C LYS C 145 4.02 -5.39 13.78
N ASP C 146 3.72 -6.58 13.29
CA ASP C 146 4.72 -7.62 13.04
C ASP C 146 5.46 -7.98 14.33
N THR C 147 4.74 -8.05 15.45
CA THR C 147 5.29 -8.46 16.72
C THR C 147 4.38 -9.48 17.42
N ASN C 148 3.93 -10.48 16.68
CA ASN C 148 3.07 -11.50 17.26
C ASN C 148 3.91 -12.44 18.14
N GLY C 149 3.26 -13.44 18.71
CA GLY C 149 3.91 -14.37 19.61
C GLY C 149 3.00 -15.52 19.97
N SER C 150 2.94 -15.90 21.25
CA SER C 150 2.00 -16.90 21.72
C SER C 150 1.28 -16.34 22.95
N GLN C 151 0.23 -15.56 22.71
CA GLN C 151 -0.63 -15.01 23.74
C GLN C 151 -2.03 -14.89 23.17
N PHE C 152 -2.90 -15.84 23.51
CA PHE C 152 -4.25 -15.88 23.00
C PHE C 152 -5.21 -15.20 23.98
N PHE C 153 -6.24 -14.57 23.45
CA PHE C 153 -7.25 -13.89 24.27
C PHE C 153 -8.65 -14.23 23.75
N ILE C 154 -9.53 -14.63 24.67
CA ILE C 154 -10.92 -14.89 24.34
C ILE C 154 -11.75 -13.66 24.65
N THR C 155 -12.53 -13.21 23.69
CA THR C 155 -13.37 -12.03 23.87
C THR C 155 -14.69 -12.42 24.53
N THR C 156 -15.23 -11.48 25.31
CA THR C 156 -16.44 -11.82 26.09
C THR C 156 -17.63 -11.03 25.57
N VAL C 157 -17.39 -9.89 24.95
CA VAL C 157 -18.50 -9.11 24.33
C VAL C 157 -18.03 -8.65 22.97
N LYS C 158 -18.88 -7.97 22.22
CA LYS C 158 -18.42 -7.40 20.94
C LYS C 158 -17.30 -6.43 21.26
N THR C 159 -16.18 -6.53 20.55
CA THR C 159 -15.03 -5.67 20.88
C THR C 159 -14.49 -5.05 19.59
N ALA C 160 -15.20 -4.09 19.02
CA ALA C 160 -14.76 -3.53 17.74
C ALA C 160 -13.69 -2.45 17.96
N TRP C 161 -13.47 -2.04 19.22
CA TRP C 161 -12.37 -1.08 19.51
C TRP C 161 -11.15 -1.60 18.76
N LEU C 162 -10.79 -2.86 19.01
CA LEU C 162 -9.68 -3.46 18.24
C LEU C 162 -10.29 -4.19 17.05
N ASP C 163 -9.90 -3.80 15.84
CA ASP C 163 -10.40 -4.52 14.64
C ASP C 163 -9.47 -4.22 13.48
N GLY C 164 -8.89 -5.25 12.89
CA GLY C 164 -7.92 -5.03 11.80
C GLY C 164 -6.53 -4.80 12.35
N LYS C 165 -6.40 -4.68 13.67
CA LYS C 165 -5.06 -4.52 14.29
C LYS C 165 -4.71 -5.84 14.99
N HIS C 166 -5.65 -6.76 15.08
CA HIS C 166 -5.43 -8.07 15.67
C HIS C 166 -6.07 -9.15 14.81
N VAL C 167 -5.33 -10.24 14.60
CA VAL C 167 -5.76 -11.34 13.75
C VAL C 167 -6.54 -12.34 14.58
N VAL C 168 -7.72 -12.72 14.10
CA VAL C 168 -8.56 -13.68 14.77
C VAL C 168 -8.43 -15.02 14.05
N PHE C 169 -8.23 -16.08 14.83
CA PHE C 169 -7.91 -17.37 14.24
C PHE C 169 -8.67 -18.53 14.87
N GLY C 170 -9.85 -18.27 15.44
CA GLY C 170 -10.62 -19.35 16.01
C GLY C 170 -11.87 -18.97 16.76
N LYS C 171 -12.87 -19.84 16.72
CA LYS C 171 -14.11 -19.66 17.45
C LYS C 171 -14.33 -20.84 18.40
N VAL C 172 -14.76 -20.52 19.62
CA VAL C 172 -15.15 -21.55 20.58
C VAL C 172 -16.48 -22.16 20.14
N LEU C 173 -16.67 -23.45 20.46
CA LEU C 173 -17.90 -24.11 20.02
C LEU C 173 -18.65 -24.82 21.15
N GLU C 174 -18.25 -24.63 22.41
CA GLU C 174 -18.88 -25.33 23.52
C GLU C 174 -18.40 -24.69 24.82
N GLY C 175 -19.18 -24.91 25.88
CA GLY C 175 -18.77 -24.57 27.22
C GLY C 175 -18.60 -23.10 27.54
N MET C 176 -19.60 -22.28 27.20
CA MET C 176 -19.56 -20.87 27.57
C MET C 176 -19.65 -20.68 29.08
N GLU C 177 -20.34 -21.57 29.79
CA GLU C 177 -20.48 -21.42 31.23
C GLU C 177 -19.13 -21.50 31.94
N VAL C 178 -18.18 -22.27 31.38
CA VAL C 178 -16.85 -22.34 31.95
C VAL C 178 -16.15 -20.98 31.88
N VAL C 179 -16.20 -20.32 30.73
CA VAL C 179 -15.64 -18.98 30.61
C VAL C 179 -16.38 -18.02 31.53
N ARG C 180 -17.70 -18.19 31.66
CA ARG C 180 -18.48 -17.33 32.54
C ARG C 180 -18.04 -17.47 33.99
N LYS C 181 -17.77 -18.70 34.43
CA LYS C 181 -17.27 -18.92 35.79
C LYS C 181 -15.83 -18.44 35.97
N VAL C 182 -14.97 -18.59 34.98
CA VAL C 182 -13.58 -18.12 35.09
C VAL C 182 -13.48 -16.60 34.97
N GLU C 183 -14.50 -15.93 34.45
CA GLU C 183 -14.51 -14.47 34.29
C GLU C 183 -15.05 -13.78 35.53
N SER C 184 -15.61 -14.55 36.47
CA SER C 184 -16.23 -13.91 37.64
C SER C 184 -15.46 -14.14 38.93
N THR C 185 -14.13 -14.26 38.89
CA THR C 185 -13.34 -14.44 40.10
C THR C 185 -12.85 -13.08 40.60
N LYS C 186 -12.61 -13.01 41.91
CA LYS C 186 -12.18 -11.77 42.53
C LYS C 186 -10.80 -11.37 42.00
N THR C 187 -10.74 -10.22 41.34
CA THR C 187 -9.51 -9.73 40.73
C THR C 187 -8.85 -8.68 41.62
N ASP C 188 -7.63 -8.33 41.25
CA ASP C 188 -6.81 -7.37 41.99
C ASP C 188 -6.71 -6.06 41.23
N SER C 189 -5.90 -5.14 41.78
CA SER C 189 -5.64 -3.87 41.13
C SER C 189 -4.87 -4.01 39.83
N ARG C 190 -3.98 -5.00 39.72
CA ARG C 190 -3.23 -5.25 38.50
C ARG C 190 -3.79 -6.41 37.69
N ASP C 191 -5.10 -6.68 37.82
CA ASP C 191 -5.85 -7.57 36.94
C ASP C 191 -5.50 -9.04 37.12
N LYS C 192 -4.52 -9.33 37.98
CA LYS C 192 -4.21 -10.71 38.27
C LYS C 192 -5.28 -11.31 39.17
N PRO C 193 -5.76 -12.52 38.89
CA PRO C 193 -6.73 -13.15 39.78
C PRO C 193 -6.13 -13.39 41.16
N LEU C 194 -6.96 -13.22 42.18
CA LEU C 194 -6.52 -13.49 43.55
C LEU C 194 -6.11 -14.95 43.71
N LYS C 195 -6.91 -15.85 43.14
CA LYS C 195 -6.54 -17.26 43.07
C LYS C 195 -5.79 -17.50 41.77
N ASP C 196 -5.56 -18.76 41.41
CA ASP C 196 -4.79 -19.09 40.22
C ASP C 196 -5.66 -19.84 39.22
N VAL C 197 -5.44 -19.55 37.94
CA VAL C 197 -6.15 -20.22 36.86
C VAL C 197 -5.17 -21.12 36.12
N ILE C 198 -5.13 -22.39 36.50
CA ILE C 198 -4.17 -23.35 35.96
C ILE C 198 -4.82 -24.10 34.81
N ILE C 199 -4.14 -24.14 33.67
CA ILE C 199 -4.53 -25.01 32.57
C ILE C 199 -3.89 -26.38 32.78
N ALA C 200 -4.70 -27.37 33.15
CA ALA C 200 -4.20 -28.65 33.61
C ALA C 200 -4.19 -29.72 32.52
N ASP C 201 -4.63 -29.38 31.29
CA ASP C 201 -4.65 -30.38 30.23
C ASP C 201 -4.89 -29.75 28.86
N CYS C 202 -4.46 -30.44 27.80
CA CYS C 202 -4.75 -30.04 26.43
C CYS C 202 -4.52 -31.24 25.52
N GLY C 203 -4.57 -30.99 24.22
CA GLY C 203 -4.37 -32.06 23.25
C GLY C 203 -5.03 -31.71 21.93
N LYS C 204 -5.28 -32.75 21.13
CA LYS C 204 -5.80 -32.60 19.78
C LYS C 204 -7.04 -33.46 19.59
N ILE C 205 -8.05 -32.89 18.94
CA ILE C 205 -9.23 -33.62 18.46
C ILE C 205 -9.39 -33.32 16.98
N GLU C 206 -9.52 -34.37 16.17
CA GLU C 206 -9.51 -34.25 14.72
C GLU C 206 -10.92 -34.40 14.15
N VAL C 207 -11.22 -33.58 13.14
CA VAL C 207 -12.46 -33.67 12.37
C VAL C 207 -12.09 -34.03 10.94
N GLU C 208 -12.75 -35.04 10.39
CA GLU C 208 -12.38 -35.63 9.11
C GLU C 208 -13.12 -34.98 7.93
N LYS C 209 -13.98 -33.99 8.20
CA LYS C 209 -14.71 -33.35 7.12
C LYS C 209 -15.02 -31.91 7.50
N PRO C 210 -14.36 -30.92 6.89
CA PRO C 210 -14.61 -29.52 7.25
C PRO C 210 -16.06 -29.11 7.09
N PHE C 211 -16.72 -28.82 8.20
CA PHE C 211 -18.08 -28.27 8.16
C PHE C 211 -18.03 -26.75 8.25
N ALA C 212 -19.18 -26.12 8.45
CA ALA C 212 -19.25 -24.67 8.45
C ALA C 212 -19.89 -24.19 9.75
N ILE C 213 -19.58 -22.95 10.11
CA ILE C 213 -20.07 -22.34 11.33
C ILE C 213 -20.63 -20.96 10.99
N ALA C 214 -21.55 -20.49 11.84
CA ALA C 214 -22.21 -19.21 11.62
C ALA C 214 -21.28 -18.06 11.98
N LYS C 215 -21.81 -16.83 11.95
CA LYS C 215 -20.94 -15.66 12.05
C LYS C 215 -21.48 -14.58 12.98
N GLU C 216 -22.21 -14.98 14.02
CA GLU C 216 -22.77 -13.97 14.92
C GLU C 216 -22.23 -14.10 16.35
N ALA C 217 -22.28 -15.28 16.94
CA ALA C 217 -21.85 -15.51 18.32
C ALA C 217 -21.93 -17.00 18.62
N ALA C 218 -21.54 -17.36 19.82
CA ALA C 218 -21.63 -18.74 20.32
C ALA C 218 -20.95 -19.74 19.38
N VAL D 9 1.79 -2.40 28.79
CA VAL D 9 0.34 -2.39 28.92
C VAL D 9 -0.13 -0.93 28.92
N ALA D 11 -3.31 2.39 28.72
CA ALA D 11 -4.59 2.68 29.31
C ALA D 11 -5.73 2.31 28.36
#